data_1BXH
#
_entry.id   1BXH
#
_cell.length_a   119.700
_cell.length_b   119.700
_cell.length_c   68.900
_cell.angle_alpha   90.00
_cell.angle_beta   90.00
_cell.angle_gamma   90.00
#
_symmetry.space_group_name_H-M   'P 21 21 21'
#
loop_
_entity.id
_entity.type
_entity.pdbx_description
1 polymer Concanavalin-A
2 branched 'methyl alpha-D-galactopyranoside-(1-2)-methyl alpha-D-mannopyranoside'
3 branched 'methyl alpha-D-galactopyranoside-(1-2)-methyl alpha-D-galactopyranoside'
4 non-polymer 'MANGANESE (II) ION'
5 non-polymer 'CALCIUM ION'
6 non-polymer 'methyl alpha-D-mannopyranoside'
7 water water
#
_entity_poly.entity_id   1
_entity_poly.type   'polypeptide(L)'
_entity_poly.pdbx_seq_one_letter_code
;ADTIVAVELDTYPNTDIGDPSYPHIGIDIKSVRSKKTAKWNMQNGKVGTAHIIYNSVDKRLSAVVSYPNADSATVSYDVD
LDNVLPEWVRVGLSASTGLYKETNTILSWSFTSKLKSNSTHETNALHFMFNQFSKDQKDLILQGDATTGTDGNLELTRVS
SNGSPQGSSVGRALFYAPVHIWESSAVVASFEATFTFLIKSPDSHPADGIAFFISNIDSSIPSGSTGRLLGLFPDAN
;
_entity_poly.pdbx_strand_id   A,B,C,D
#
loop_
_chem_comp.id
_chem_comp.type
_chem_comp.name
_chem_comp.formula
AMG D-saccharide 'methyl alpha-D-galactopyranoside' 'C7 H14 O6'
CA non-polymer 'CALCIUM ION' 'Ca 2'
MMA D-saccharide 'methyl alpha-D-mannopyranoside' 'C7 H14 O6'
MN non-polymer 'MANGANESE (II) ION' 'Mn 2'
#
# COMPACT_ATOMS: atom_id res chain seq x y z
N ALA A 1 -35.55 9.00 0.79
CA ALA A 1 -34.89 8.02 1.71
C ALA A 1 -33.46 7.77 1.25
N ASP A 2 -32.73 7.02 2.05
CA ASP A 2 -31.36 6.72 1.71
C ASP A 2 -31.25 5.43 0.89
N THR A 3 -30.11 5.22 0.26
CA THR A 3 -29.85 4.01 -0.50
C THR A 3 -28.77 3.30 0.28
N ILE A 4 -29.09 2.11 0.79
CA ILE A 4 -28.17 1.34 1.59
C ILE A 4 -27.83 -0.03 1.02
N VAL A 5 -26.55 -0.38 1.11
CA VAL A 5 -26.04 -1.68 0.73
C VAL A 5 -25.26 -2.01 1.99
N ALA A 6 -25.51 -3.17 2.58
CA ALA A 6 -24.83 -3.50 3.82
C ALA A 6 -24.58 -4.97 4.04
N VAL A 7 -23.60 -5.23 4.90
CA VAL A 7 -23.27 -6.57 5.30
C VAL A 7 -23.52 -6.54 6.80
N GLU A 8 -24.51 -7.30 7.24
CA GLU A 8 -24.83 -7.30 8.66
C GLU A 8 -24.31 -8.51 9.40
N LEU A 9 -23.94 -8.26 10.65
CA LEU A 9 -23.51 -9.30 11.56
C LEU A 9 -24.71 -9.22 12.49
N ASP A 10 -25.73 -10.00 12.17
CA ASP A 10 -26.98 -10.01 12.93
C ASP A 10 -26.94 -11.00 14.08
N THR A 11 -26.97 -10.49 15.31
CA THR A 11 -26.92 -11.36 16.47
C THR A 11 -28.26 -11.81 17.02
N TYR A 12 -29.33 -11.12 16.65
CA TYR A 12 -30.65 -11.46 17.16
C TYR A 12 -31.62 -11.87 16.06
N PRO A 13 -32.18 -13.09 16.15
CA PRO A 13 -33.12 -13.60 15.15
C PRO A 13 -34.52 -13.00 15.18
N ASN A 14 -34.82 -12.13 14.24
CA ASN A 14 -36.15 -11.53 14.17
C ASN A 14 -36.84 -12.28 13.07
N THR A 15 -37.16 -13.54 13.35
CA THR A 15 -37.83 -14.40 12.38
C THR A 15 -39.07 -13.79 11.74
N ASP A 16 -39.82 -12.98 12.46
CA ASP A 16 -41.01 -12.43 11.82
C ASP A 16 -40.71 -11.41 10.72
N ILE A 17 -39.45 -11.08 10.50
CA ILE A 17 -39.14 -10.18 9.39
C ILE A 17 -38.16 -10.85 8.45
N GLY A 18 -38.05 -12.17 8.56
CA GLY A 18 -37.17 -12.90 7.67
C GLY A 18 -35.87 -13.47 8.19
N ASP A 19 -35.45 -13.05 9.38
CA ASP A 19 -34.19 -13.58 9.90
C ASP A 19 -34.25 -15.08 10.07
N PRO A 20 -33.13 -15.77 9.83
CA PRO A 20 -33.14 -17.21 10.03
C PRO A 20 -33.25 -17.28 11.55
N SER A 21 -33.45 -18.46 12.11
CA SER A 21 -33.59 -18.56 13.55
C SER A 21 -32.26 -18.79 14.28
N TYR A 22 -31.25 -18.01 13.93
CA TYR A 22 -29.93 -18.13 14.57
C TYR A 22 -29.05 -16.96 14.12
N PRO A 23 -28.01 -16.61 14.92
CA PRO A 23 -27.13 -15.51 14.56
C PRO A 23 -26.67 -15.75 13.14
N HIS A 24 -26.55 -14.68 12.35
CA HIS A 24 -26.16 -14.84 10.96
C HIS A 24 -25.53 -13.58 10.38
N ILE A 25 -24.88 -13.74 9.24
CA ILE A 25 -24.32 -12.60 8.54
C ILE A 25 -25.13 -12.57 7.26
N GLY A 26 -25.45 -11.37 6.79
CA GLY A 26 -26.23 -11.27 5.57
C GLY A 26 -25.88 -10.06 4.75
N ILE A 27 -26.36 -10.05 3.52
CA ILE A 27 -26.14 -8.97 2.59
C ILE A 27 -27.47 -8.26 2.34
N ASP A 28 -27.53 -6.99 2.73
CA ASP A 28 -28.74 -6.23 2.57
C ASP A 28 -28.69 -5.21 1.45
N ILE A 29 -29.57 -5.33 0.48
CA ILE A 29 -29.62 -4.38 -0.61
C ILE A 29 -30.91 -3.59 -0.45
N LYS A 30 -30.79 -2.39 0.11
CA LYS A 30 -31.94 -1.50 0.32
C LYS A 30 -33.04 -2.06 1.18
N SER A 31 -32.73 -3.05 1.99
CA SER A 31 -33.73 -3.65 2.87
C SER A 31 -33.12 -4.49 3.98
N VAL A 32 -33.73 -4.44 5.16
CA VAL A 32 -33.22 -5.21 6.28
C VAL A 32 -33.48 -6.71 6.05
N ARG A 33 -34.34 -7.02 5.09
CA ARG A 33 -34.61 -8.41 4.75
C ARG A 33 -33.52 -8.85 3.78
N SER A 34 -32.43 -9.37 4.32
CA SER A 34 -31.26 -9.82 3.59
C SER A 34 -31.57 -10.61 2.33
N LYS A 35 -30.88 -10.30 1.24
CA LYS A 35 -31.05 -11.04 0.00
C LYS A 35 -30.43 -12.44 0.17
N LYS A 36 -29.48 -12.57 1.10
CA LYS A 36 -28.81 -13.85 1.33
C LYS A 36 -28.13 -13.86 2.68
N THR A 37 -28.25 -14.96 3.41
CA THR A 37 -27.64 -15.06 4.73
C THR A 37 -26.81 -16.34 4.88
N ALA A 38 -26.08 -16.44 5.99
CA ALA A 38 -25.25 -17.60 6.27
C ALA A 38 -25.22 -17.73 7.77
N LYS A 39 -25.28 -18.95 8.28
CA LYS A 39 -25.25 -19.14 9.73
C LYS A 39 -23.92 -18.64 10.27
N TRP A 40 -23.98 -17.96 11.40
CA TRP A 40 -22.79 -17.42 12.02
C TRP A 40 -22.74 -17.82 13.48
N ASN A 41 -21.73 -18.60 13.86
CA ASN A 41 -21.61 -19.03 15.25
C ASN A 41 -20.89 -17.93 16.00
N MET A 42 -21.66 -16.92 16.38
CA MET A 42 -21.17 -15.75 17.09
C MET A 42 -20.64 -16.20 18.45
N GLN A 43 -19.51 -15.63 18.87
CA GLN A 43 -18.92 -15.98 20.14
C GLN A 43 -18.89 -14.81 21.12
N ASN A 44 -19.78 -14.85 22.10
CA ASN A 44 -19.88 -13.81 23.10
C ASN A 44 -18.53 -13.52 23.78
N GLY A 45 -18.17 -12.24 23.88
CA GLY A 45 -16.94 -11.89 24.55
C GLY A 45 -15.61 -12.01 23.83
N LYS A 46 -15.61 -12.61 22.64
CA LYS A 46 -14.37 -12.75 21.88
C LYS A 46 -14.26 -11.75 20.72
N VAL A 47 -13.03 -11.35 20.40
CA VAL A 47 -12.76 -10.41 19.34
C VAL A 47 -12.81 -11.12 17.99
N GLY A 48 -13.58 -10.57 17.05
CA GLY A 48 -13.70 -11.18 15.73
C GLY A 48 -13.28 -10.27 14.59
N THR A 49 -13.25 -10.83 13.39
CA THR A 49 -12.85 -10.07 12.21
C THR A 49 -13.80 -10.24 11.06
N ALA A 50 -14.00 -9.16 10.31
CA ALA A 50 -14.88 -9.21 9.17
C ALA A 50 -14.10 -8.71 7.98
N HIS A 51 -14.29 -9.35 6.82
CA HIS A 51 -13.61 -8.94 5.59
C HIS A 51 -14.71 -8.81 4.56
N ILE A 52 -14.79 -7.68 3.90
CA ILE A 52 -15.80 -7.50 2.86
C ILE A 52 -15.04 -7.15 1.59
N ILE A 53 -15.38 -7.81 0.49
CA ILE A 53 -14.70 -7.53 -0.77
C ILE A 53 -15.64 -7.41 -1.97
N TYR A 54 -15.22 -6.67 -2.98
CA TYR A 54 -16.04 -6.48 -4.16
C TYR A 54 -15.22 -5.95 -5.33
N ASN A 55 -15.53 -6.38 -6.55
CA ASN A 55 -14.86 -5.84 -7.73
C ASN A 55 -15.90 -5.84 -8.85
N SER A 56 -15.80 -4.83 -9.70
CA SER A 56 -16.73 -4.66 -10.79
C SER A 56 -16.63 -5.71 -11.90
N VAL A 57 -15.56 -6.49 -11.94
CA VAL A 57 -15.43 -7.52 -12.96
C VAL A 57 -16.38 -8.67 -12.67
N ASP A 58 -16.35 -9.17 -11.43
CA ASP A 58 -17.23 -10.25 -11.01
C ASP A 58 -18.59 -9.74 -10.59
N LYS A 59 -18.67 -8.50 -10.13
CA LYS A 59 -19.92 -7.94 -9.67
C LYS A 59 -20.42 -8.91 -8.60
N ARG A 60 -19.59 -9.15 -7.61
CA ARG A 60 -19.92 -10.09 -6.54
C ARG A 60 -19.45 -9.53 -5.21
N LEU A 61 -20.39 -9.35 -4.29
CA LEU A 61 -20.08 -8.83 -2.95
C LEU A 61 -19.95 -10.00 -1.97
N SER A 62 -18.78 -10.17 -1.39
CA SER A 62 -18.54 -11.28 -0.46
C SER A 62 -18.06 -10.80 0.89
N ALA A 63 -18.36 -11.59 1.91
CA ALA A 63 -17.96 -11.25 3.26
C ALA A 63 -17.58 -12.50 4.00
N VAL A 64 -16.60 -12.36 4.88
CA VAL A 64 -16.11 -13.45 5.70
C VAL A 64 -15.92 -12.92 7.10
N VAL A 65 -16.48 -13.64 8.06
CA VAL A 65 -16.37 -13.24 9.46
C VAL A 65 -15.76 -14.42 10.19
N SER A 66 -14.86 -14.15 11.12
CA SER A 66 -14.26 -15.24 11.83
C SER A 66 -13.65 -14.87 13.16
N TYR A 67 -13.37 -15.90 13.95
CA TYR A 67 -12.74 -15.78 15.26
C TYR A 67 -11.49 -16.66 15.21
N PRO A 68 -10.47 -16.34 16.02
CA PRO A 68 -9.26 -17.16 16.02
C PRO A 68 -9.58 -18.63 16.30
N ASN A 69 -8.93 -19.55 15.57
CA ASN A 69 -9.19 -20.98 15.73
C ASN A 69 -10.67 -21.23 15.86
N ALA A 70 -11.37 -21.16 14.73
CA ALA A 70 -12.81 -21.39 14.69
C ALA A 70 -13.23 -21.34 13.24
N ASP A 71 -14.33 -22.01 12.90
CA ASP A 71 -14.80 -21.98 11.53
C ASP A 71 -15.26 -20.56 11.25
N SER A 72 -15.16 -20.15 10.00
CA SER A 72 -15.56 -18.81 9.61
C SER A 72 -16.80 -18.87 8.75
N ALA A 73 -17.68 -17.89 8.92
CA ALA A 73 -18.90 -17.84 8.14
C ALA A 73 -18.65 -17.01 6.89
N THR A 74 -19.20 -17.45 5.77
CA THR A 74 -19.02 -16.77 4.49
C THR A 74 -20.34 -16.56 3.80
N VAL A 75 -20.44 -15.50 3.02
CA VAL A 75 -21.66 -15.21 2.27
C VAL A 75 -21.29 -14.35 1.05
N SER A 76 -21.88 -14.66 -0.09
CA SER A 76 -21.60 -13.93 -1.32
C SER A 76 -22.90 -13.67 -2.00
N TYR A 77 -22.91 -12.70 -2.89
CA TYR A 77 -24.13 -12.36 -3.58
C TYR A 77 -23.81 -11.58 -4.84
N ASP A 78 -24.41 -11.98 -5.96
CA ASP A 78 -24.16 -11.28 -7.21
C ASP A 78 -24.96 -9.99 -7.22
N VAL A 79 -24.26 -8.88 -7.47
CA VAL A 79 -24.91 -7.58 -7.50
C VAL A 79 -23.95 -6.60 -8.17
N ASP A 80 -24.47 -5.87 -9.13
CA ASP A 80 -23.71 -4.86 -9.81
C ASP A 80 -24.03 -3.56 -9.05
N LEU A 81 -23.08 -3.05 -8.28
CA LEU A 81 -23.32 -1.82 -7.53
C LEU A 81 -23.59 -0.59 -8.40
N ASP A 82 -23.23 -0.64 -9.69
CA ASP A 82 -23.49 0.50 -10.58
C ASP A 82 -25.00 0.75 -10.64
N ASN A 83 -25.77 -0.32 -10.56
CA ASN A 83 -27.22 -0.22 -10.66
C ASN A 83 -27.91 0.03 -9.36
N VAL A 84 -27.17 0.11 -8.27
CA VAL A 84 -27.82 0.29 -6.98
C VAL A 84 -27.42 1.55 -6.25
N LEU A 85 -26.14 1.89 -6.32
CA LEU A 85 -25.63 3.05 -5.60
C LEU A 85 -25.27 4.23 -6.46
N PRO A 86 -25.36 5.42 -5.89
CA PRO A 86 -24.98 6.58 -6.69
C PRO A 86 -23.46 6.47 -6.89
N GLU A 87 -22.93 7.20 -7.85
CA GLU A 87 -21.51 7.19 -8.16
C GLU A 87 -20.62 7.55 -6.95
N TRP A 88 -21.11 8.46 -6.09
CA TRP A 88 -20.40 8.90 -4.90
C TRP A 88 -21.17 8.50 -3.67
N VAL A 89 -20.47 7.97 -2.68
CA VAL A 89 -21.10 7.48 -1.47
C VAL A 89 -20.20 7.70 -0.26
N ARG A 90 -20.70 7.31 0.90
CA ARG A 90 -19.92 7.35 2.13
C ARG A 90 -19.95 5.92 2.67
N VAL A 91 -18.88 5.50 3.34
CA VAL A 91 -18.83 4.16 3.89
C VAL A 91 -18.80 4.30 5.40
N GLY A 92 -19.39 3.34 6.10
CA GLY A 92 -19.41 3.43 7.54
C GLY A 92 -19.77 2.15 8.25
N LEU A 93 -19.82 2.23 9.57
CA LEU A 93 -20.18 1.12 10.43
C LEU A 93 -21.42 1.52 11.24
N SER A 94 -22.32 0.57 11.45
CA SER A 94 -23.53 0.85 12.20
C SER A 94 -23.87 -0.29 13.16
N ALA A 95 -24.53 0.03 14.27
CA ALA A 95 -24.91 -0.98 15.26
C ALA A 95 -26.10 -0.49 16.07
N SER A 96 -26.76 -1.42 16.75
CA SER A 96 -27.91 -1.07 17.57
C SER A 96 -28.17 -2.14 18.62
N THR A 97 -29.09 -1.83 19.51
CA THR A 97 -29.54 -2.71 20.58
C THR A 97 -31.02 -2.38 20.70
N GLY A 98 -31.80 -3.31 21.24
CA GLY A 98 -33.23 -3.08 21.41
C GLY A 98 -33.58 -3.43 22.84
N LEU A 99 -34.44 -4.42 22.98
CA LEU A 99 -34.84 -4.89 24.30
C LEU A 99 -33.62 -5.59 24.88
N TYR A 100 -32.94 -6.39 24.07
CA TYR A 100 -31.73 -7.07 24.51
C TYR A 100 -30.55 -6.24 24.02
N LYS A 101 -29.41 -6.35 24.69
CA LYS A 101 -28.25 -5.58 24.26
C LYS A 101 -26.91 -6.31 24.17
N GLU A 102 -25.87 -5.55 23.85
CA GLU A 102 -24.52 -6.08 23.70
C GLU A 102 -23.64 -4.88 23.44
N THR A 103 -22.33 -5.03 23.60
CA THR A 103 -21.43 -3.95 23.28
C THR A 103 -21.16 -4.11 21.78
N ASN A 104 -20.98 -3.00 21.08
CA ASN A 104 -20.67 -3.07 19.67
C ASN A 104 -19.40 -2.26 19.51
N THR A 105 -18.33 -2.80 20.07
CA THR A 105 -17.03 -2.18 20.08
C THR A 105 -16.19 -2.49 18.84
N ILE A 106 -15.66 -1.44 18.24
CA ILE A 106 -14.83 -1.59 17.06
C ILE A 106 -13.38 -1.30 17.47
N LEU A 107 -12.51 -2.28 17.28
CA LEU A 107 -11.11 -2.12 17.62
C LEU A 107 -10.27 -1.56 16.48
N SER A 108 -10.71 -1.76 15.24
CA SER A 108 -9.96 -1.25 14.10
C SER A 108 -10.81 -1.34 12.86
N TRP A 109 -10.48 -0.55 11.87
CA TRP A 109 -11.23 -0.55 10.64
C TRP A 109 -10.38 -0.01 9.51
N SER A 110 -10.32 -0.73 8.40
CA SER A 110 -9.57 -0.24 7.26
C SER A 110 -10.43 -0.39 6.00
N PHE A 111 -10.14 0.42 4.99
CA PHE A 111 -10.92 0.40 3.77
C PHE A 111 -10.00 0.78 2.62
N THR A 112 -10.17 0.13 1.47
CA THR A 112 -9.36 0.45 0.31
C THR A 112 -10.29 0.49 -0.90
N SER A 113 -10.09 1.48 -1.75
CA SER A 113 -10.92 1.63 -2.92
C SER A 113 -10.04 2.02 -4.11
N LYS A 114 -10.30 1.40 -5.26
CA LYS A 114 -9.52 1.69 -6.45
C LYS A 114 -10.41 1.79 -7.68
N LEU A 115 -10.11 2.77 -8.53
CA LEU A 115 -10.83 2.95 -9.78
C LEU A 115 -9.80 3.00 -10.90
N LYS A 116 -9.89 2.07 -11.84
CA LYS A 116 -8.95 2.06 -12.98
C LYS A 116 -9.77 2.65 -14.12
N SER A 117 -9.30 3.76 -14.70
CA SER A 117 -10.04 4.38 -15.80
C SER A 117 -9.45 4.05 -17.17
N ASN A 118 -10.09 4.53 -18.24
CA ASN A 118 -9.62 4.27 -19.59
C ASN A 118 -8.32 4.98 -19.96
N SER A 119 -7.21 4.52 -19.39
CA SER A 119 -5.91 5.10 -19.67
C SER A 119 -4.78 4.23 -19.11
N THR A 120 -3.54 4.59 -19.45
CA THR A 120 -2.37 3.84 -18.98
C THR A 120 -2.08 4.08 -17.51
N HIS A 121 -2.09 2.98 -16.74
CA HIS A 121 -1.84 3.03 -15.31
C HIS A 121 -2.47 4.28 -14.68
N GLU A 122 -3.74 4.52 -15.00
CA GLU A 122 -4.45 5.67 -14.44
C GLU A 122 -5.41 5.21 -13.37
N THR A 123 -4.87 4.90 -12.21
CA THR A 123 -5.69 4.45 -11.09
C THR A 123 -5.88 5.53 -10.04
N ASN A 124 -7.08 5.60 -9.47
CA ASN A 124 -7.37 6.52 -8.41
C ASN A 124 -7.58 5.58 -7.23
N ALA A 125 -7.01 5.93 -6.08
CA ALA A 125 -7.18 5.07 -4.91
C ALA A 125 -7.44 5.86 -3.66
N LEU A 126 -8.09 5.21 -2.71
CA LEU A 126 -8.36 5.81 -1.40
C LEU A 126 -8.13 4.71 -0.40
N HIS A 127 -7.41 5.05 0.66
CA HIS A 127 -7.15 4.06 1.69
C HIS A 127 -7.05 4.69 3.05
N PHE A 128 -7.71 4.08 4.03
CA PHE A 128 -7.58 4.57 5.39
C PHE A 128 -7.54 3.37 6.32
N MET A 129 -6.81 3.53 7.41
CA MET A 129 -6.68 2.47 8.40
C MET A 129 -6.71 3.08 9.80
N PHE A 130 -7.67 2.63 10.60
CA PHE A 130 -7.82 3.09 11.97
C PHE A 130 -7.54 1.91 12.88
N ASN A 131 -6.56 2.06 13.75
CA ASN A 131 -6.28 1.01 14.72
C ASN A 131 -6.48 1.61 16.09
N GLN A 132 -6.49 2.94 16.12
CA GLN A 132 -6.63 3.69 17.36
C GLN A 132 -7.59 4.86 17.08
N PHE A 133 -8.64 4.95 17.87
CA PHE A 133 -9.62 6.02 17.73
C PHE A 133 -9.38 7.03 18.84
N SER A 134 -9.18 8.29 18.48
CA SER A 134 -8.94 9.30 19.49
C SER A 134 -10.21 10.03 19.88
N LYS A 135 -10.16 10.76 20.98
CA LYS A 135 -11.34 11.48 21.46
C LYS A 135 -11.93 12.45 20.46
N ASP A 136 -11.07 13.15 19.73
CA ASP A 136 -11.56 14.10 18.74
C ASP A 136 -11.11 13.60 17.37
N GLN A 137 -11.84 12.62 16.86
CA GLN A 137 -11.56 11.98 15.58
C GLN A 137 -12.25 12.80 14.49
N LYS A 138 -11.57 13.81 13.96
CA LYS A 138 -12.15 14.68 12.94
C LYS A 138 -12.41 14.11 11.56
N ASP A 139 -11.85 12.94 11.25
CA ASP A 139 -12.08 12.34 9.93
C ASP A 139 -13.23 11.32 9.96
N LEU A 140 -13.90 11.23 11.10
CA LEU A 140 -15.04 10.34 11.23
C LEU A 140 -16.25 11.19 11.53
N ILE A 141 -17.39 10.83 10.95
CA ILE A 141 -18.63 11.53 11.25
C ILE A 141 -19.37 10.56 12.18
N LEU A 142 -19.59 10.97 13.42
CA LEU A 142 -20.28 10.13 14.39
C LEU A 142 -21.76 10.51 14.45
N GLN A 143 -22.64 9.51 14.40
CA GLN A 143 -24.07 9.76 14.46
C GLN A 143 -24.66 8.95 15.58
N GLY A 144 -25.75 9.43 16.17
CA GLY A 144 -26.39 8.72 17.26
C GLY A 144 -25.52 8.62 18.50
N ASP A 145 -25.48 7.42 19.09
CA ASP A 145 -24.72 7.15 20.31
C ASP A 145 -23.25 6.76 20.14
N ALA A 146 -22.72 6.83 18.93
CA ALA A 146 -21.34 6.46 18.70
C ALA A 146 -20.34 7.44 19.32
N THR A 147 -19.32 6.91 20.00
CA THR A 147 -18.28 7.72 20.62
C THR A 147 -16.95 7.01 20.48
N THR A 148 -15.86 7.77 20.64
CA THR A 148 -14.50 7.25 20.55
C THR A 148 -13.75 7.68 21.80
N GLY A 149 -12.61 7.06 22.06
CA GLY A 149 -11.80 7.44 23.23
C GLY A 149 -11.61 6.37 24.30
N THR A 150 -12.70 5.69 24.66
CA THR A 150 -12.66 4.65 25.69
C THR A 150 -11.73 3.51 25.30
N ASP A 151 -10.47 3.63 25.69
CA ASP A 151 -9.44 2.64 25.40
C ASP A 151 -8.94 2.82 23.96
N GLY A 152 -9.36 3.91 23.34
CA GLY A 152 -8.96 4.17 21.97
C GLY A 152 -9.80 3.33 21.02
N ASN A 153 -10.96 2.87 21.49
CA ASN A 153 -11.85 2.06 20.67
C ASN A 153 -13.03 2.90 20.25
N LEU A 154 -13.82 2.36 19.33
CA LEU A 154 -15.01 3.04 18.84
C LEU A 154 -16.21 2.27 19.36
N GLU A 155 -17.03 2.95 20.16
CA GLU A 155 -18.23 2.32 20.71
C GLU A 155 -19.40 2.80 19.87
N LEU A 156 -19.96 1.91 19.07
CA LEU A 156 -21.08 2.27 18.23
C LEU A 156 -22.34 2.54 19.04
N THR A 157 -22.64 1.69 20.01
CA THR A 157 -23.81 1.91 20.85
C THR A 157 -23.36 2.31 22.26
N ARG A 158 -24.28 2.90 23.02
CA ARG A 158 -24.01 3.38 24.37
C ARG A 158 -23.55 2.33 25.37
N VAL A 159 -22.54 2.69 26.16
CA VAL A 159 -21.98 1.80 27.18
C VAL A 159 -21.76 2.61 28.45
N SER A 160 -22.34 2.15 29.57
CA SER A 160 -22.19 2.88 30.84
C SER A 160 -20.73 2.88 31.29
N SER A 161 -20.39 3.85 32.14
CA SER A 161 -19.02 3.97 32.64
C SER A 161 -18.46 2.67 33.22
N ASN A 162 -19.30 1.87 33.85
CA ASN A 162 -18.83 0.61 34.42
C ASN A 162 -18.50 -0.38 33.29
N GLY A 163 -18.99 -0.08 32.09
CA GLY A 163 -18.72 -0.94 30.95
C GLY A 163 -19.85 -1.81 30.45
N SER A 164 -21.05 -1.66 31.01
CA SER A 164 -22.17 -2.46 30.55
C SER A 164 -23.00 -1.77 29.46
N PRO A 165 -23.40 -2.54 28.43
CA PRO A 165 -24.19 -2.04 27.31
C PRO A 165 -25.59 -1.59 27.67
N GLN A 166 -26.12 -0.67 26.88
CA GLN A 166 -27.45 -0.12 27.10
C GLN A 166 -28.38 -0.63 26.00
N GLY A 167 -29.66 -0.75 26.32
CA GLY A 167 -30.62 -1.20 25.34
C GLY A 167 -31.17 0.02 24.64
N SER A 168 -31.89 -0.19 23.55
CA SER A 168 -32.48 0.90 22.80
C SER A 168 -31.45 1.92 22.39
N SER A 169 -30.32 1.46 21.87
CA SER A 169 -29.28 2.36 21.42
C SER A 169 -28.96 2.18 19.94
N VAL A 170 -28.55 3.25 19.29
CA VAL A 170 -28.19 3.19 17.87
C VAL A 170 -27.06 4.18 17.57
N GLY A 171 -26.04 3.70 16.86
CA GLY A 171 -24.91 4.54 16.55
C GLY A 171 -24.29 4.19 15.21
N ARG A 172 -23.59 5.15 14.62
CA ARG A 172 -22.93 4.97 13.34
C ARG A 172 -21.66 5.79 13.26
N ALA A 173 -20.74 5.36 12.41
CA ALA A 173 -19.49 6.09 12.19
C ALA A 173 -19.20 6.02 10.70
N LEU A 174 -19.14 7.18 10.04
CA LEU A 174 -18.86 7.22 8.59
C LEU A 174 -17.55 7.93 8.30
N PHE A 175 -16.83 7.47 7.28
CA PHE A 175 -15.58 8.16 6.95
C PHE A 175 -15.97 9.53 6.37
N TYR A 176 -15.23 10.55 6.76
CA TYR A 176 -15.53 11.91 6.35
C TYR A 176 -15.60 12.16 4.84
N ALA A 177 -14.58 11.75 4.12
CA ALA A 177 -14.55 11.96 2.69
C ALA A 177 -15.46 11.05 1.85
N PRO A 178 -16.10 11.62 0.82
CA PRO A 178 -16.98 10.83 -0.05
C PRO A 178 -16.07 9.90 -0.86
N VAL A 179 -16.56 8.71 -1.15
CA VAL A 179 -15.80 7.72 -1.90
C VAL A 179 -16.38 7.55 -3.29
N HIS A 180 -15.53 7.53 -4.31
CA HIS A 180 -15.99 7.36 -5.69
C HIS A 180 -16.01 5.84 -5.90
N ILE A 181 -17.17 5.23 -5.66
CA ILE A 181 -17.35 3.80 -5.74
C ILE A 181 -17.44 3.18 -7.15
N TRP A 182 -17.77 3.98 -8.15
CA TRP A 182 -17.81 3.48 -9.51
C TRP A 182 -17.91 4.65 -10.47
N GLU A 183 -17.62 4.39 -11.74
CA GLU A 183 -17.66 5.42 -12.75
C GLU A 183 -17.99 4.81 -14.10
N SER A 184 -18.82 5.49 -14.88
CA SER A 184 -19.22 5.00 -16.19
C SER A 184 -18.05 4.45 -17.01
N SER A 185 -16.98 5.24 -17.12
CA SER A 185 -15.80 4.87 -17.89
C SER A 185 -14.72 4.17 -17.06
N ALA A 186 -15.12 3.25 -16.17
CA ALA A 186 -14.16 2.53 -15.34
C ALA A 186 -13.90 1.13 -15.86
N VAL A 187 -12.62 0.78 -15.98
CA VAL A 187 -12.21 -0.54 -16.47
C VAL A 187 -12.37 -1.55 -15.34
N VAL A 188 -11.99 -1.14 -14.14
CA VAL A 188 -12.09 -1.97 -12.96
C VAL A 188 -12.24 -1.09 -11.73
N ALA A 189 -13.18 -1.46 -10.86
CA ALA A 189 -13.40 -0.72 -9.64
C ALA A 189 -13.48 -1.81 -8.58
N SER A 190 -12.94 -1.54 -7.41
CA SER A 190 -13.00 -2.55 -6.36
C SER A 190 -12.76 -1.94 -5.01
N PHE A 191 -13.24 -2.60 -3.98
CA PHE A 191 -13.00 -2.10 -2.65
C PHE A 191 -12.83 -3.29 -1.74
N GLU A 192 -12.24 -3.02 -0.59
CA GLU A 192 -11.96 -4.04 0.39
C GLU A 192 -12.13 -3.34 1.74
N ALA A 193 -12.76 -4.01 2.71
CA ALA A 193 -12.97 -3.43 4.02
C ALA A 193 -12.70 -4.47 5.08
N THR A 194 -12.17 -4.04 6.21
CA THR A 194 -11.88 -4.95 7.29
C THR A 194 -12.07 -4.22 8.61
N PHE A 195 -12.61 -4.93 9.60
CA PHE A 195 -12.76 -4.37 10.91
C PHE A 195 -12.81 -5.48 11.95
N THR A 196 -12.26 -5.23 13.12
CA THR A 196 -12.30 -6.22 14.19
C THR A 196 -13.28 -5.64 15.19
N PHE A 197 -14.08 -6.51 15.78
CA PHE A 197 -15.10 -6.08 16.71
C PHE A 197 -15.13 -6.92 17.97
N LEU A 198 -15.77 -6.42 19.01
CA LEU A 198 -15.90 -7.17 20.25
C LEU A 198 -17.35 -7.04 20.69
N ILE A 199 -18.12 -8.11 20.53
CA ILE A 199 -19.50 -8.09 20.96
C ILE A 199 -19.59 -8.84 22.27
N LYS A 200 -19.96 -8.12 23.33
CA LYS A 200 -20.06 -8.69 24.66
C LYS A 200 -21.48 -8.48 25.17
N SER A 201 -22.15 -9.58 25.54
CA SER A 201 -23.52 -9.50 26.03
C SER A 201 -23.67 -10.11 27.41
N PRO A 202 -23.88 -9.27 28.43
CA PRO A 202 -24.06 -9.71 29.81
C PRO A 202 -25.41 -10.38 30.09
N ASP A 203 -26.48 -9.76 29.58
CA ASP A 203 -27.85 -10.26 29.74
C ASP A 203 -28.18 -11.55 28.97
N SER A 204 -29.47 -11.77 28.77
CA SER A 204 -30.00 -12.95 28.08
C SER A 204 -29.32 -13.25 26.73
N HIS A 205 -29.97 -12.83 25.66
CA HIS A 205 -29.50 -13.03 24.29
C HIS A 205 -28.79 -11.74 23.87
N PRO A 206 -27.83 -11.83 22.94
CA PRO A 206 -27.11 -10.65 22.44
C PRO A 206 -28.00 -10.00 21.37
N ALA A 207 -27.90 -8.68 21.20
CA ALA A 207 -28.70 -7.98 20.19
C ALA A 207 -28.16 -6.57 20.10
N ASP A 208 -28.31 -5.92 18.95
CA ASP A 208 -28.96 -6.45 17.76
C ASP A 208 -28.00 -6.77 16.62
N GLY A 209 -26.81 -6.18 16.66
CA GLY A 209 -25.82 -6.46 15.63
C GLY A 209 -25.01 -5.26 15.14
N ILE A 210 -24.05 -5.56 14.27
CA ILE A 210 -23.18 -4.56 13.70
C ILE A 210 -23.27 -4.69 12.20
N ALA A 211 -23.05 -3.60 11.49
CA ALA A 211 -23.08 -3.67 10.03
C ALA A 211 -22.11 -2.72 9.33
N PHE A 212 -21.54 -3.18 8.23
CA PHE A 212 -20.68 -2.34 7.41
C PHE A 212 -21.65 -1.85 6.33
N PHE A 213 -21.65 -0.57 6.03
CA PHE A 213 -22.57 -0.12 4.99
C PHE A 213 -22.03 0.95 4.10
N ILE A 214 -22.66 1.07 2.92
CA ILE A 214 -22.32 2.05 1.91
C ILE A 214 -23.63 2.78 1.68
N SER A 215 -23.58 4.10 1.60
CA SER A 215 -24.82 4.85 1.43
C SER A 215 -24.61 6.14 0.68
N ASN A 216 -25.71 6.84 0.45
CA ASN A 216 -25.64 8.13 -0.22
C ASN A 216 -24.88 9.04 0.75
N ILE A 217 -24.16 9.99 0.21
CA ILE A 217 -23.32 10.90 0.99
C ILE A 217 -23.97 11.54 2.20
N ASP A 218 -25.19 12.01 2.04
CA ASP A 218 -25.89 12.69 3.12
C ASP A 218 -26.76 11.80 4.01
N SER A 219 -26.41 10.53 4.15
CA SER A 219 -27.17 9.61 4.99
C SER A 219 -27.09 9.90 6.48
N SER A 220 -28.20 9.68 7.17
CA SER A 220 -28.26 9.85 8.61
C SER A 220 -29.15 8.76 9.20
N ILE A 221 -29.09 8.57 10.51
CA ILE A 221 -29.89 7.53 11.15
C ILE A 221 -31.41 7.75 11.04
N PRO A 222 -32.13 6.75 10.53
CA PRO A 222 -33.59 6.84 10.38
C PRO A 222 -34.20 6.83 11.78
N SER A 223 -35.22 7.64 12.03
CA SER A 223 -35.85 7.66 13.34
C SER A 223 -36.45 6.32 13.73
N GLY A 224 -36.25 5.95 14.98
CA GLY A 224 -36.76 4.70 15.50
C GLY A 224 -36.06 3.47 14.94
N SER A 225 -34.90 3.66 14.31
CA SER A 225 -34.18 2.54 13.72
C SER A 225 -33.30 1.78 14.70
N THR A 226 -33.68 1.75 15.97
CA THR A 226 -32.95 0.97 16.96
C THR A 226 -33.41 -0.47 16.80
N GLY A 227 -32.87 -1.37 17.61
CA GLY A 227 -33.28 -2.77 17.50
C GLY A 227 -33.01 -3.48 16.17
N ARG A 228 -34.00 -4.24 15.71
CA ARG A 228 -33.94 -5.02 14.46
C ARG A 228 -33.51 -4.23 13.21
N LEU A 229 -33.71 -2.92 13.21
CA LEU A 229 -33.38 -2.12 12.04
C LEU A 229 -31.92 -1.74 11.89
N LEU A 230 -31.11 -2.06 12.90
CA LEU A 230 -29.66 -1.82 12.86
C LEU A 230 -29.21 -0.39 12.52
N GLY A 231 -30.04 0.60 12.79
CA GLY A 231 -29.68 1.97 12.47
C GLY A 231 -29.51 2.23 10.99
N LEU A 232 -30.06 1.35 10.15
CA LEU A 232 -29.93 1.51 8.70
C LEU A 232 -31.21 1.75 7.95
N PHE A 233 -32.28 1.09 8.36
CA PHE A 233 -33.55 1.20 7.65
C PHE A 233 -34.68 1.82 8.45
N PRO A 234 -35.55 2.58 7.77
CA PRO A 234 -36.71 3.25 8.38
C PRO A 234 -37.79 2.28 8.81
N ASP A 235 -37.90 1.15 8.11
CA ASP A 235 -38.90 0.13 8.41
C ASP A 235 -38.39 -1.27 8.04
N ALA A 236 -39.22 -2.29 8.27
CA ALA A 236 -38.83 -3.66 7.98
C ALA A 236 -39.34 -4.20 6.65
N ASN A 237 -39.58 -3.34 5.69
CA ASN A 237 -40.04 -3.77 4.39
C ASN A 237 -38.87 -4.29 3.58
N ALA B 1 -6.14 34.49 11.33
CA ALA B 1 -5.48 34.12 10.05
C ALA B 1 -5.20 32.61 10.00
N ASP B 2 -4.70 32.13 8.88
CA ASP B 2 -4.40 30.73 8.72
C ASP B 2 -2.94 30.42 9.10
N THR B 3 -2.67 29.14 9.26
CA THR B 3 -1.34 28.64 9.57
C THR B 3 -0.95 27.85 8.35
N ILE B 4 0.10 28.29 7.67
CA ILE B 4 0.53 27.63 6.47
C ILE B 4 1.99 27.13 6.54
N VAL B 5 2.20 25.97 5.96
CA VAL B 5 3.52 25.37 5.83
C VAL B 5 3.44 24.98 4.37
N ALA B 6 4.41 25.42 3.58
CA ALA B 6 4.35 25.12 2.17
C ALA B 6 5.69 24.96 1.45
N VAL B 7 5.64 24.20 0.37
CA VAL B 7 6.80 24.00 -0.48
C VAL B 7 6.37 24.68 -1.77
N GLU B 8 7.07 25.74 -2.14
CA GLU B 8 6.71 26.46 -3.34
C GLU B 8 7.64 26.19 -4.51
N LEU B 9 7.04 26.15 -5.69
CA LEU B 9 7.75 25.99 -6.94
C LEU B 9 7.53 27.39 -7.47
N ASP B 10 8.41 28.30 -7.08
CA ASP B 10 8.30 29.71 -7.46
C ASP B 10 8.96 29.99 -8.79
N THR B 11 8.15 30.36 -9.79
CA THR B 11 8.67 30.63 -11.12
C THR B 11 9.04 32.09 -11.40
N TYR B 12 8.52 33.01 -10.61
CA TYR B 12 8.80 34.43 -10.81
C TYR B 12 9.53 35.04 -9.63
N PRO B 13 10.75 35.56 -9.87
CA PRO B 13 11.55 36.18 -8.81
C PRO B 13 11.13 37.57 -8.37
N ASN B 14 10.53 37.65 -7.19
CA ASN B 14 10.11 38.92 -6.63
C ASN B 14 11.17 39.30 -5.60
N THR B 15 12.34 39.69 -6.11
CA THR B 15 13.46 40.06 -5.24
C THR B 15 13.07 41.11 -4.21
N ASP B 16 12.07 41.92 -4.52
CA ASP B 16 11.63 42.94 -3.58
C ASP B 16 10.99 42.37 -2.31
N ILE B 17 10.83 41.05 -2.23
CA ILE B 17 10.29 40.45 -1.01
C ILE B 17 11.11 39.25 -0.57
N GLY B 18 12.33 39.15 -1.07
CA GLY B 18 13.17 38.04 -0.64
C GLY B 18 13.49 36.94 -1.62
N ASP B 19 12.74 36.84 -2.72
CA ASP B 19 13.03 35.81 -3.70
C ASP B 19 14.43 35.93 -4.27
N PRO B 20 15.08 34.79 -4.54
CA PRO B 20 16.42 34.87 -5.12
C PRO B 20 16.11 35.43 -6.52
N SER B 21 17.11 35.77 -7.29
CA SER B 21 16.81 36.33 -8.60
C SER B 21 16.72 35.26 -9.68
N TYR B 22 15.91 34.24 -9.42
CA TYR B 22 15.75 33.14 -10.39
C TYR B 22 14.71 32.13 -9.93
N PRO B 23 14.18 31.32 -10.85
CA PRO B 23 13.19 30.32 -10.45
C PRO B 23 13.77 29.50 -9.31
N HIS B 24 12.95 29.17 -8.33
CA HIS B 24 13.44 28.43 -7.19
C HIS B 24 12.34 27.64 -6.47
N ILE B 25 12.75 26.72 -5.61
CA ILE B 25 11.81 25.98 -4.81
C ILE B 25 12.17 26.41 -3.40
N GLY B 26 11.17 26.57 -2.54
CA GLY B 26 11.45 26.99 -1.19
C GLY B 26 10.49 26.39 -0.20
N ILE B 27 10.83 26.50 1.07
CA ILE B 27 10.01 25.98 2.15
C ILE B 27 9.50 27.19 2.93
N ASP B 28 8.18 27.37 2.95
CA ASP B 28 7.60 28.51 3.63
C ASP B 28 6.90 28.13 4.92
N ILE B 29 7.34 28.71 6.02
CA ILE B 29 6.72 28.44 7.31
C ILE B 29 6.00 29.74 7.71
N LYS B 30 4.69 29.78 7.50
CA LYS B 30 3.85 30.92 7.85
C LYS B 30 4.25 32.24 7.19
N SER B 31 4.98 32.18 6.09
CA SER B 31 5.40 33.38 5.43
C SER B 31 5.83 33.13 4.01
N VAL B 32 5.52 34.05 3.11
CA VAL B 32 5.91 33.86 1.71
C VAL B 32 7.44 34.02 1.54
N ARG B 33 8.08 34.55 2.58
CA ARG B 33 9.54 34.72 2.58
C ARG B 33 10.15 33.41 3.04
N SER B 34 10.42 32.54 2.09
CA SER B 34 10.99 31.21 2.34
C SER B 34 12.11 31.17 3.40
N LYS B 35 12.06 30.18 4.28
CA LYS B 35 13.09 30.01 5.29
C LYS B 35 14.31 29.45 4.58
N LYS B 36 14.10 28.80 3.44
CA LYS B 36 15.21 28.25 2.70
C LYS B 36 14.81 27.99 1.26
N THR B 37 15.70 28.31 0.31
CA THR B 37 15.41 28.10 -1.10
C THR B 37 16.52 27.34 -1.80
N ALA B 38 16.29 26.94 -3.04
CA ALA B 38 17.27 26.24 -3.85
C ALA B 38 16.99 26.64 -5.29
N LYS B 39 18.03 26.85 -6.08
CA LYS B 39 17.81 27.24 -7.47
C LYS B 39 17.11 26.12 -8.20
N TRP B 40 16.15 26.47 -9.02
CA TRP B 40 15.37 25.51 -9.79
C TRP B 40 15.36 25.86 -11.27
N ASN B 41 15.95 25.00 -12.09
CA ASN B 41 15.97 25.25 -13.52
C ASN B 41 14.67 24.75 -14.13
N MET B 42 13.62 25.53 -13.90
CA MET B 42 12.29 25.23 -14.40
C MET B 42 12.38 25.12 -15.91
N GLN B 43 11.58 24.22 -16.49
CA GLN B 43 11.58 24.02 -17.93
C GLN B 43 10.21 24.24 -18.51
N ASN B 44 10.05 25.36 -19.20
CA ASN B 44 8.80 25.74 -19.82
C ASN B 44 8.24 24.66 -20.74
N GLY B 45 6.96 24.32 -20.57
CA GLY B 45 6.34 23.33 -21.43
C GLY B 45 6.57 21.86 -21.12
N LYS B 46 7.41 21.53 -20.16
CA LYS B 46 7.66 20.13 -19.84
C LYS B 46 7.01 19.67 -18.53
N VAL B 47 6.61 18.41 -18.50
CA VAL B 47 5.98 17.82 -17.31
C VAL B 47 7.04 17.54 -16.25
N GLY B 48 6.80 17.99 -15.02
CA GLY B 48 7.75 17.76 -13.95
C GLY B 48 7.14 17.04 -12.75
N THR B 49 7.98 16.63 -11.80
CA THR B 49 7.51 15.93 -10.62
C THR B 49 8.05 16.52 -9.37
N ALA B 50 7.25 16.52 -8.32
CA ALA B 50 7.66 17.05 -7.04
C ALA B 50 7.46 15.96 -6.01
N HIS B 51 8.40 15.84 -5.08
CA HIS B 51 8.31 14.86 -3.99
C HIS B 51 8.56 15.60 -2.71
N ILE B 52 7.64 15.51 -1.77
CA ILE B 52 7.82 16.17 -0.49
C ILE B 52 7.77 15.07 0.57
N ILE B 53 8.66 15.11 1.55
CA ILE B 53 8.68 14.08 2.59
C ILE B 53 8.96 14.66 3.96
N TYR B 54 8.55 13.95 4.99
CA TYR B 54 8.72 14.40 6.36
C TYR B 54 8.43 13.29 7.35
N ASN B 55 9.22 13.23 8.42
CA ASN B 55 8.97 12.27 9.48
C ASN B 55 9.32 12.96 10.81
N SER B 56 8.58 12.60 11.86
CA SER B 56 8.76 13.20 13.17
C SER B 56 10.05 12.82 13.86
N VAL B 57 10.74 11.79 13.38
CA VAL B 57 11.99 11.42 14.03
C VAL B 57 13.08 12.45 13.69
N ASP B 58 13.28 12.72 12.41
CA ASP B 58 14.28 13.70 11.98
C ASP B 58 13.75 15.12 12.05
N LYS B 59 12.43 15.28 12.00
CA LYS B 59 11.82 16.60 12.02
C LYS B 59 12.50 17.39 10.91
N ARG B 60 12.46 16.83 9.71
CA ARG B 60 13.09 17.46 8.56
C ARG B 60 12.17 17.38 7.36
N LEU B 61 11.77 18.54 6.83
CA LEU B 61 10.90 18.63 5.67
C LEU B 61 11.77 18.79 4.42
N SER B 62 11.68 17.84 3.50
CA SER B 62 12.47 17.92 2.28
C SER B 62 11.63 17.84 1.03
N ALA B 63 12.14 18.40 -0.05
CA ALA B 63 11.42 18.38 -1.31
C ALA B 63 12.39 18.20 -2.44
N VAL B 64 11.96 17.48 -3.46
CA VAL B 64 12.77 17.24 -4.64
C VAL B 64 11.88 17.45 -5.86
N VAL B 65 12.31 18.30 -6.77
CA VAL B 65 11.56 18.56 -7.98
C VAL B 65 12.46 18.21 -9.14
N SER B 66 11.90 17.56 -10.17
CA SER B 66 12.73 17.21 -11.30
C SER B 66 11.97 16.98 -12.58
N TYR B 67 12.73 16.95 -13.67
CA TYR B 67 12.21 16.72 -15.02
C TYR B 67 12.98 15.52 -15.56
N PRO B 68 12.38 14.77 -16.48
CA PRO B 68 13.10 13.62 -17.02
C PRO B 68 14.47 14.01 -17.58
N ASN B 69 15.48 13.18 -17.35
CA ASN B 69 16.84 13.46 -17.81
C ASN B 69 17.18 14.92 -17.61
N ALA B 70 17.47 15.28 -16.36
CA ALA B 70 17.81 16.64 -16.00
C ALA B 70 18.14 16.64 -14.52
N ASP B 71 18.98 17.56 -14.09
CA ASP B 71 19.33 17.63 -12.68
C ASP B 71 18.08 18.01 -11.92
N SER B 72 18.01 17.57 -10.67
CA SER B 72 16.84 17.85 -9.87
C SER B 72 17.22 18.81 -8.77
N ALA B 73 16.30 19.68 -8.41
CA ALA B 73 16.54 20.66 -7.36
C ALA B 73 16.06 20.07 -6.04
N THR B 74 16.83 20.28 -4.98
CA THR B 74 16.48 19.76 -3.67
C THR B 74 16.57 20.85 -2.61
N VAL B 75 15.75 20.72 -1.58
CA VAL B 75 15.76 21.68 -0.49
C VAL B 75 15.21 20.98 0.76
N SER B 76 15.87 21.23 1.88
CA SER B 76 15.46 20.64 3.16
C SER B 76 15.49 21.70 4.23
N TYR B 77 14.79 21.43 5.32
CA TYR B 77 14.74 22.39 6.40
C TYR B 77 14.32 21.71 7.69
N ASP B 78 15.03 22.00 8.77
CA ASP B 78 14.67 21.39 10.05
C ASP B 78 13.51 22.15 10.64
N VAL B 79 12.45 21.44 10.95
CA VAL B 79 11.28 22.07 11.52
C VAL B 79 10.44 21.01 12.17
N ASP B 80 9.98 21.31 13.37
CA ASP B 80 9.14 20.37 14.10
C ASP B 80 7.71 20.83 13.83
N LEU B 81 6.98 20.10 13.00
CA LEU B 81 5.62 20.49 12.70
C LEU B 81 4.69 20.51 13.93
N ASP B 82 5.05 19.82 15.01
CA ASP B 82 4.25 19.82 16.22
C ASP B 82 4.12 21.26 16.72
N ASN B 83 5.21 22.01 16.66
CA ASN B 83 5.21 23.38 17.15
C ASN B 83 4.62 24.42 16.20
N VAL B 84 4.26 24.03 14.98
CA VAL B 84 3.75 24.99 14.03
C VAL B 84 2.31 24.79 13.57
N LEU B 85 1.91 23.56 13.37
CA LEU B 85 0.57 23.28 12.87
C LEU B 85 -0.35 22.65 13.88
N PRO B 86 -1.66 22.84 13.73
CA PRO B 86 -2.58 22.22 14.67
C PRO B 86 -2.49 20.71 14.43
N GLU B 87 -3.03 19.93 15.35
CA GLU B 87 -3.01 18.48 15.27
C GLU B 87 -3.75 17.96 14.02
N TRP B 88 -4.82 18.67 13.64
CA TRP B 88 -5.59 18.32 12.45
C TRP B 88 -5.45 19.40 11.40
N VAL B 89 -5.24 18.99 10.15
CA VAL B 89 -5.04 19.94 9.08
C VAL B 89 -5.66 19.43 7.78
N ARG B 90 -5.55 20.25 6.74
CA ARG B 90 -5.99 19.85 5.41
C ARG B 90 -4.77 20.03 4.53
N VAL B 91 -4.62 19.18 3.51
CA VAL B 91 -3.50 19.30 2.60
C VAL B 91 -4.05 19.70 1.22
N GLY B 92 -3.27 20.49 0.48
CA GLY B 92 -3.75 20.92 -0.81
C GLY B 92 -2.65 21.46 -1.69
N LEU B 93 -3.05 21.86 -2.90
CA LEU B 93 -2.17 22.44 -3.90
C LEU B 93 -2.69 23.84 -4.24
N SER B 94 -1.77 24.79 -4.42
CA SER B 94 -2.15 26.14 -4.73
C SER B 94 -1.29 26.73 -5.84
N ALA B 95 -1.86 27.66 -6.60
CA ALA B 95 -1.12 28.34 -7.67
C ALA B 95 -1.71 29.72 -7.95
N SER B 96 -0.96 30.54 -8.68
CA SER B 96 -1.43 31.88 -9.02
C SER B 96 -0.69 32.42 -10.22
N THR B 97 -1.17 33.56 -10.69
CA THR B 97 -0.58 34.29 -11.80
C THR B 97 -0.84 35.75 -11.46
N GLY B 98 0.00 36.64 -11.98
CA GLY B 98 -0.17 38.06 -11.72
C GLY B 98 -0.13 38.77 -13.05
N LEU B 99 0.79 39.71 -13.20
CA LEU B 99 0.93 40.45 -14.46
C LEU B 99 1.37 39.45 -15.51
N TYR B 100 2.25 38.54 -15.14
CA TYR B 100 2.72 37.51 -16.05
C TYR B 100 1.97 36.23 -15.66
N LYS B 101 1.83 35.31 -16.60
CA LYS B 101 1.11 34.09 -16.31
C LYS B 101 1.77 32.80 -16.80
N GLU B 102 1.06 31.70 -16.62
CA GLU B 102 1.52 30.35 -17.00
C GLU B 102 0.35 29.44 -16.69
N THR B 103 0.40 28.21 -17.17
CA THR B 103 -0.64 27.26 -16.83
C THR B 103 -0.11 26.58 -15.57
N ASN B 104 -1.00 26.20 -14.66
CA ASN B 104 -0.60 25.51 -13.45
C ASN B 104 -1.41 24.22 -13.44
N THR B 105 -1.09 23.37 -14.40
CA THR B 105 -1.79 22.11 -14.58
C THR B 105 -1.25 20.95 -13.74
N ILE B 106 -2.13 20.28 -13.05
CA ILE B 106 -1.75 19.16 -12.22
C ILE B 106 -2.25 17.88 -12.88
N LEU B 107 -1.32 16.99 -13.22
CA LEU B 107 -1.69 15.74 -13.87
C LEU B 107 -1.97 14.62 -12.90
N SER B 108 -1.39 14.70 -11.71
CA SER B 108 -1.61 13.66 -10.70
C SER B 108 -1.11 14.15 -9.35
N TRP B 109 -1.63 13.55 -8.30
CA TRP B 109 -1.28 13.94 -6.96
C TRP B 109 -1.58 12.80 -6.00
N SER B 110 -0.60 12.43 -5.19
CA SER B 110 -0.83 11.36 -4.22
C SER B 110 -0.30 11.83 -2.88
N PHE B 111 -0.83 11.27 -1.80
CA PHE B 111 -0.43 11.66 -0.46
C PHE B 111 -0.53 10.48 0.48
N THR B 112 0.43 10.34 1.37
CA THR B 112 0.35 9.25 2.34
C THR B 112 0.71 9.78 3.70
N SER B 113 -0.05 9.38 4.69
CA SER B 113 0.20 9.85 6.04
C SER B 113 0.10 8.66 6.99
N LYS B 114 0.97 8.60 7.99
CA LYS B 114 0.95 7.51 8.95
C LYS B 114 1.25 8.00 10.36
N LEU B 115 0.54 7.46 11.33
CA LEU B 115 0.74 7.80 12.74
C LEU B 115 0.89 6.52 13.51
N LYS B 116 2.06 6.32 14.13
CA LYS B 116 2.32 5.13 14.94
C LYS B 116 2.11 5.60 16.38
N SER B 117 1.15 5.00 17.08
CA SER B 117 0.89 5.40 18.47
C SER B 117 1.54 4.46 19.50
N ASN B 118 1.40 4.77 20.78
CA ASN B 118 1.99 3.94 21.84
C ASN B 118 1.32 2.58 22.03
N SER B 119 1.54 1.68 21.08
CA SER B 119 0.97 0.34 21.14
C SER B 119 1.56 -0.59 20.09
N THR B 120 1.22 -1.87 20.17
CA THR B 120 1.73 -2.86 19.22
C THR B 120 1.10 -2.72 17.84
N HIS B 121 1.94 -2.50 16.84
CA HIS B 121 1.50 -2.34 15.46
C HIS B 121 0.18 -1.57 15.40
N GLU B 122 0.11 -0.44 16.10
CA GLU B 122 -1.10 0.38 16.07
C GLU B 122 -0.87 1.60 15.20
N THR B 123 -0.93 1.41 13.89
CA THR B 123 -0.72 2.50 12.96
C THR B 123 -2.03 2.98 12.32
N ASN B 124 -2.14 4.29 12.15
CA ASN B 124 -3.29 4.88 11.50
C ASN B 124 -2.73 5.43 10.21
N ALA B 125 -3.39 5.15 9.09
CA ALA B 125 -2.87 5.64 7.84
C ALA B 125 -3.94 6.24 6.98
N LEU B 126 -3.51 7.11 6.07
CA LEU B 126 -4.39 7.74 5.12
C LEU B 126 -3.63 7.80 3.82
N HIS B 127 -4.28 7.39 2.74
CA HIS B 127 -3.64 7.45 1.45
C HIS B 127 -4.64 7.74 0.34
N PHE B 128 -4.26 8.63 -0.56
CA PHE B 128 -5.11 8.89 -1.70
C PHE B 128 -4.21 9.11 -2.89
N MET B 129 -4.73 8.74 -4.06
CA MET B 129 -3.98 8.87 -5.30
C MET B 129 -4.90 9.32 -6.42
N PHE B 130 -4.59 10.46 -7.01
CA PHE B 130 -5.36 11.00 -8.12
C PHE B 130 -4.50 10.99 -9.36
N ASN B 131 -4.95 10.30 -10.40
CA ASN B 131 -4.24 10.30 -11.66
C ASN B 131 -5.17 10.88 -12.70
N GLN B 132 -6.45 10.89 -12.35
CA GLN B 132 -7.48 11.37 -13.24
C GLN B 132 -8.44 12.20 -12.39
N PHE B 133 -8.74 13.41 -12.82
CA PHE B 133 -9.64 14.28 -12.09
C PHE B 133 -10.90 14.39 -12.91
N SER B 134 -12.04 14.04 -12.33
CA SER B 134 -13.29 14.12 -13.07
C SER B 134 -13.97 15.46 -12.87
N LYS B 135 -15.00 15.72 -13.66
CA LYS B 135 -15.71 16.99 -13.60
C LYS B 135 -16.34 17.25 -12.23
N ASP B 136 -16.86 16.21 -11.60
CA ASP B 136 -17.48 16.38 -10.29
C ASP B 136 -16.68 15.60 -9.26
N GLN B 137 -15.53 16.14 -8.91
CA GLN B 137 -14.60 15.53 -7.96
C GLN B 137 -15.04 15.90 -6.54
N LYS B 138 -15.94 15.11 -5.96
CA LYS B 138 -16.46 15.41 -4.63
C LYS B 138 -15.51 15.24 -3.46
N ASP B 139 -14.35 14.61 -3.67
CA ASP B 139 -13.42 14.46 -2.57
C ASP B 139 -12.34 15.54 -2.57
N LEU B 140 -12.54 16.54 -3.43
CA LEU B 140 -11.64 17.68 -3.48
C LEU B 140 -12.46 18.92 -3.22
N ILE B 141 -11.88 19.86 -2.49
CA ILE B 141 -12.54 21.13 -2.22
C ILE B 141 -11.81 22.10 -3.15
N LEU B 142 -12.52 22.63 -4.13
CA LEU B 142 -11.91 23.58 -5.07
C LEU B 142 -12.19 24.99 -4.63
N GLN B 143 -11.14 25.82 -4.59
CA GLN B 143 -11.29 27.22 -4.19
C GLN B 143 -10.75 28.12 -5.30
N GLY B 144 -11.31 29.32 -5.42
CA GLY B 144 -10.86 30.25 -6.44
C GLY B 144 -11.14 29.76 -7.84
N ASP B 145 -10.15 29.90 -8.72
CA ASP B 145 -10.31 29.50 -10.12
C ASP B 145 -9.98 28.05 -10.47
N ALA B 146 -9.78 27.21 -9.46
CA ALA B 146 -9.44 25.83 -9.74
C ALA B 146 -10.61 25.03 -10.31
N THR B 147 -10.34 24.26 -11.37
CA THR B 147 -11.36 23.42 -12.01
C THR B 147 -10.74 22.11 -12.45
N THR B 148 -11.59 21.10 -12.65
CA THR B 148 -11.18 19.77 -13.09
C THR B 148 -11.98 19.39 -14.33
N GLY B 149 -11.54 18.37 -15.05
CA GLY B 149 -12.28 17.94 -16.24
C GLY B 149 -11.55 18.06 -17.59
N THR B 150 -10.92 19.20 -17.81
CA THR B 150 -10.19 19.47 -19.05
C THR B 150 -9.05 18.46 -19.24
N ASP B 151 -9.37 17.35 -19.91
CA ASP B 151 -8.42 16.28 -20.19
C ASP B 151 -8.21 15.42 -18.95
N GLY B 152 -9.09 15.59 -17.96
CA GLY B 152 -8.97 14.82 -16.73
C GLY B 152 -7.84 15.37 -15.87
N ASN B 153 -7.48 16.62 -16.10
CA ASN B 153 -6.42 17.27 -15.34
C ASN B 153 -7.03 18.30 -14.39
N LEU B 154 -6.21 18.78 -13.47
CA LEU B 154 -6.64 19.80 -12.51
C LEU B 154 -5.97 21.10 -12.90
N GLU B 155 -6.76 22.13 -13.20
CA GLU B 155 -6.22 23.43 -13.57
C GLU B 155 -6.37 24.31 -12.35
N LEU B 156 -5.26 24.64 -11.71
CA LEU B 156 -5.32 25.48 -10.52
C LEU B 156 -5.71 26.92 -10.85
N THR B 157 -5.12 27.48 -11.90
CA THR B 157 -5.47 28.84 -12.30
C THR B 157 -6.26 28.80 -13.61
N ARG B 158 -6.95 29.90 -13.92
CA ARG B 158 -7.80 30.00 -15.10
C ARG B 158 -7.08 29.84 -16.45
N VAL B 159 -7.72 29.09 -17.34
CA VAL B 159 -7.19 28.84 -18.68
C VAL B 159 -8.32 28.98 -19.70
N SER B 160 -8.13 29.83 -20.70
CA SER B 160 -9.15 30.03 -21.74
C SER B 160 -9.39 28.78 -22.56
N SER B 161 -10.58 28.67 -23.14
CA SER B 161 -10.94 27.51 -23.95
C SER B 161 -9.91 27.09 -24.98
N ASN B 162 -9.21 28.07 -25.56
CA ASN B 162 -8.18 27.76 -26.55
C ASN B 162 -6.98 27.12 -25.87
N GLY B 163 -6.89 27.29 -24.54
CA GLY B 163 -5.80 26.71 -23.78
C GLY B 163 -4.76 27.67 -23.23
N SER B 164 -4.92 28.97 -23.44
CA SER B 164 -3.95 29.94 -22.93
C SER B 164 -4.25 30.41 -21.50
N PRO B 165 -3.21 30.51 -20.66
CA PRO B 165 -3.35 30.96 -19.28
C PRO B 165 -3.79 32.41 -19.15
N GLN B 166 -4.40 32.72 -18.00
CA GLN B 166 -4.89 34.06 -17.72
C GLN B 166 -4.04 34.67 -16.60
N GLY B 167 -3.93 35.98 -16.59
CA GLY B 167 -3.17 36.61 -15.54
C GLY B 167 -4.12 36.92 -14.41
N SER B 168 -3.59 37.38 -13.29
CA SER B 168 -4.42 37.71 -12.15
C SER B 168 -5.36 36.58 -11.72
N SER B 169 -4.85 35.36 -11.66
CA SER B 169 -5.65 34.22 -11.27
C SER B 169 -5.10 33.53 -10.03
N VAL B 170 -6.00 32.92 -9.26
CA VAL B 170 -5.59 32.20 -8.04
C VAL B 170 -6.54 31.02 -7.83
N GLY B 171 -5.96 29.86 -7.56
CA GLY B 171 -6.76 28.67 -7.34
C GLY B 171 -6.12 27.68 -6.37
N ARG B 172 -6.95 26.85 -5.75
CA ARG B 172 -6.48 25.86 -4.79
C ARG B 172 -7.35 24.61 -4.83
N ALA B 173 -6.78 23.50 -4.39
CA ALA B 173 -7.50 22.24 -4.32
C ALA B 173 -7.04 21.56 -3.04
N LEU B 174 -7.99 21.30 -2.13
CA LEU B 174 -7.66 20.63 -0.87
C LEU B 174 -8.36 19.29 -0.76
N PHE B 175 -7.71 18.31 -0.16
CA PHE B 175 -8.36 17.01 0.01
C PHE B 175 -9.49 17.20 1.03
N TYR B 176 -10.63 16.62 0.72
CA TYR B 176 -11.80 16.79 1.56
C TYR B 176 -11.66 16.43 3.04
N ALA B 177 -11.10 15.27 3.33
CA ALA B 177 -10.96 14.81 4.71
C ALA B 177 -9.81 15.45 5.48
N PRO B 178 -10.03 15.78 6.76
CA PRO B 178 -8.98 16.37 7.57
C PRO B 178 -7.93 15.28 7.76
N VAL B 179 -6.67 15.67 7.90
CA VAL B 179 -5.57 14.72 8.11
C VAL B 179 -5.01 14.90 9.51
N HIS B 180 -4.78 13.81 10.21
CA HIS B 180 -4.21 13.86 11.56
C HIS B 180 -2.69 13.86 11.34
N ILE B 181 -2.09 15.05 11.29
CA ILE B 181 -0.68 15.21 11.00
C ILE B 181 0.29 14.90 12.15
N TRP B 182 -0.18 14.95 13.38
CA TRP B 182 0.66 14.62 14.52
C TRP B 182 -0.20 14.44 15.76
N GLU B 183 0.38 13.79 16.77
CA GLU B 183 -0.34 13.54 18.02
C GLU B 183 0.63 13.48 19.19
N SER B 184 0.21 14.04 20.32
CA SER B 184 1.06 14.08 21.51
C SER B 184 1.73 12.73 21.80
N SER B 185 0.92 11.67 21.82
CA SER B 185 1.44 10.33 22.11
C SER B 185 1.82 9.52 20.87
N ALA B 186 2.47 10.15 19.89
CA ALA B 186 2.87 9.45 18.68
C ALA B 186 4.33 9.06 18.72
N VAL B 187 4.62 7.82 18.33
CA VAL B 187 5.97 7.29 18.32
C VAL B 187 6.66 7.80 17.05
N VAL B 188 5.91 7.74 15.95
CA VAL B 188 6.40 8.16 14.66
C VAL B 188 5.25 8.65 13.81
N ALA B 189 5.44 9.78 13.16
CA ALA B 189 4.42 10.33 12.27
C ALA B 189 5.18 10.68 11.02
N SER B 190 4.57 10.48 9.85
CA SER B 190 5.25 10.83 8.63
C SER B 190 4.29 10.97 7.50
N PHE B 191 4.66 11.77 6.50
CA PHE B 191 3.81 11.91 5.36
C PHE B 191 4.70 12.00 4.14
N GLU B 192 4.11 11.78 2.98
CA GLU B 192 4.82 11.77 1.74
C GLU B 192 3.82 12.30 0.71
N ALA B 193 4.25 13.22 -0.16
CA ALA B 193 3.36 13.77 -1.18
C ALA B 193 4.07 13.82 -2.53
N THR B 194 3.31 13.59 -3.59
CA THR B 194 3.87 13.62 -4.92
C THR B 194 2.85 14.17 -5.88
N PHE B 195 3.30 14.95 -6.85
CA PHE B 195 2.41 15.47 -7.87
C PHE B 195 3.21 15.82 -9.10
N THR B 196 2.61 15.60 -10.27
CA THR B 196 3.28 15.94 -11.51
C THR B 196 2.54 17.17 -12.03
N PHE B 197 3.28 18.11 -12.58
CA PHE B 197 2.69 19.36 -13.06
C PHE B 197 3.18 19.72 -14.45
N LEU B 198 2.44 20.61 -15.11
CA LEU B 198 2.83 21.11 -16.42
C LEU B 198 2.71 22.63 -16.41
N ILE B 199 3.83 23.31 -16.31
CA ILE B 199 3.81 24.78 -16.31
C ILE B 199 4.19 25.22 -17.71
N LYS B 200 3.25 25.86 -18.41
CA LYS B 200 3.46 26.32 -19.78
C LYS B 200 3.23 27.83 -19.81
N SER B 201 4.22 28.59 -20.26
CA SER B 201 4.11 30.03 -20.31
C SER B 201 4.31 30.55 -21.73
N PRO B 202 3.26 31.12 -22.34
CA PRO B 202 3.31 31.66 -23.70
C PRO B 202 4.04 33.00 -23.76
N ASP B 203 3.66 33.87 -22.83
CA ASP B 203 4.20 35.22 -22.75
C ASP B 203 5.64 35.32 -22.26
N SER B 204 6.00 36.54 -21.85
CA SER B 204 7.34 36.88 -21.38
C SER B 204 7.87 35.84 -20.41
N HIS B 205 7.89 36.19 -19.13
CA HIS B 205 8.36 35.30 -18.08
C HIS B 205 7.18 34.51 -17.51
N PRO B 206 7.45 33.32 -16.93
CA PRO B 206 6.39 32.51 -16.35
C PRO B 206 6.14 33.07 -14.96
N ALA B 207 4.92 32.92 -14.45
CA ALA B 207 4.58 33.40 -13.11
C ALA B 207 3.20 32.84 -12.78
N ASP B 208 2.88 32.66 -11.49
CA ASP B 208 3.75 32.96 -10.37
C ASP B 208 4.29 31.72 -9.67
N GLY B 209 3.64 30.59 -9.86
CA GLY B 209 4.11 29.36 -9.24
C GLY B 209 3.05 28.44 -8.67
N ILE B 210 3.51 27.28 -8.23
CA ILE B 210 2.63 26.27 -7.66
C ILE B 210 3.18 25.93 -6.29
N ALA B 211 2.31 25.48 -5.41
CA ALA B 211 2.74 25.12 -4.07
C ALA B 211 1.92 24.01 -3.43
N PHE B 212 2.61 23.17 -2.67
CA PHE B 212 1.97 22.12 -1.91
C PHE B 212 1.88 22.73 -0.53
N PHE B 213 0.72 22.66 0.11
CA PHE B 213 0.64 23.25 1.45
C PHE B 213 -0.18 22.45 2.42
N ILE B 214 0.04 22.74 3.68
CA ILE B 214 -0.66 22.11 4.79
C ILE B 214 -1.20 23.30 5.56
N SER B 215 -2.46 23.24 5.98
CA SER B 215 -3.03 24.37 6.68
C SER B 215 -4.08 23.93 7.68
N ASN B 216 -4.64 24.91 8.38
CA ASN B 216 -5.71 24.66 9.34
C ASN B 216 -6.88 24.20 8.48
N ILE B 217 -7.70 23.34 9.05
CA ILE B 217 -8.86 22.76 8.37
C ILE B 217 -9.77 23.72 7.59
N ASP B 218 -10.06 24.88 8.18
CA ASP B 218 -10.96 25.83 7.57
C ASP B 218 -10.29 26.91 6.74
N SER B 219 -9.11 26.62 6.19
CA SER B 219 -8.39 27.59 5.36
C SER B 219 -9.06 27.91 4.03
N SER B 220 -8.95 29.17 3.62
CA SER B 220 -9.51 29.63 2.34
C SER B 220 -8.56 30.65 1.74
N ILE B 221 -8.76 31.00 0.48
CA ILE B 221 -7.87 31.94 -0.18
C ILE B 221 -7.92 33.35 0.40
N PRO B 222 -6.77 33.90 0.81
CA PRO B 222 -6.72 35.26 1.37
C PRO B 222 -7.03 36.26 0.24
N SER B 223 -7.75 37.33 0.54
CA SER B 223 -8.07 38.31 -0.49
C SER B 223 -6.85 38.96 -1.08
N GLY B 224 -6.88 39.14 -2.39
CA GLY B 224 -5.78 39.75 -3.10
C GLY B 224 -4.52 38.92 -3.11
N SER B 225 -4.64 37.64 -2.83
CA SER B 225 -3.45 36.79 -2.78
C SER B 225 -3.04 36.23 -4.12
N THR B 226 -3.32 36.97 -5.19
CA THR B 226 -2.89 36.56 -6.52
C THR B 226 -1.42 36.97 -6.65
N GLY B 227 -0.80 36.67 -7.78
CA GLY B 227 0.60 37.04 -7.95
C GLY B 227 1.60 36.41 -6.99
N ARG B 228 2.53 37.22 -6.51
CA ARG B 228 3.60 36.82 -5.59
C ARG B 228 3.16 36.05 -4.33
N LEU B 229 1.91 36.22 -3.92
CA LEU B 229 1.42 35.56 -2.72
C LEU B 229 0.98 34.11 -2.88
N LEU B 230 0.98 33.63 -4.12
CA LEU B 230 0.65 32.24 -4.41
C LEU B 230 -0.65 31.69 -3.80
N GLY B 231 -1.61 32.57 -3.55
CA GLY B 231 -2.87 32.14 -2.98
C GLY B 231 -2.74 31.55 -1.58
N LEU B 232 -1.63 31.84 -0.91
CA LEU B 232 -1.40 31.31 0.42
C LEU B 232 -1.32 32.34 1.54
N PHE B 233 -0.74 33.50 1.25
CA PHE B 233 -0.57 34.51 2.29
C PHE B 233 -1.29 35.81 2.03
N PRO B 234 -1.78 36.47 3.09
CA PRO B 234 -2.49 37.74 3.04
C PRO B 234 -1.58 38.90 2.68
N ASP B 235 -0.32 38.82 3.07
CA ASP B 235 0.66 39.87 2.76
C ASP B 235 2.04 39.29 2.57
N ALA B 236 3.02 40.14 2.30
CA ALA B 236 4.39 39.68 2.07
C ALA B 236 5.31 39.81 3.27
N ASN B 237 4.74 39.77 4.47
CA ASN B 237 5.54 39.85 5.69
C ASN B 237 6.18 38.50 5.99
N ALA C 1 6.51 -33.23 -14.58
CA ALA C 1 6.11 -31.95 -15.26
C ALA C 1 5.68 -30.86 -14.27
N ASP C 2 5.36 -29.69 -14.81
CA ASP C 2 4.96 -28.56 -13.98
C ASP C 2 3.46 -28.44 -13.85
N THR C 3 3.04 -27.64 -12.87
CA THR C 3 1.62 -27.36 -12.62
C THR C 3 1.46 -25.90 -13.02
N ILE C 4 0.61 -25.64 -14.01
CA ILE C 4 0.41 -24.29 -14.49
C ILE C 4 -1.04 -23.82 -14.48
N VAL C 5 -1.23 -22.58 -14.06
CA VAL C 5 -2.53 -21.93 -14.08
C VAL C 5 -2.12 -20.67 -14.82
N ALA C 6 -2.84 -20.31 -15.87
CA ALA C 6 -2.46 -19.13 -16.63
C ALA C 6 -3.60 -18.40 -17.33
N VAL C 7 -3.37 -17.12 -17.57
CA VAL C 7 -4.32 -16.29 -18.28
C VAL C 7 -3.55 -15.93 -19.53
N GLU C 8 -4.06 -16.35 -20.67
CA GLU C 8 -3.38 -16.11 -21.91
C GLU C 8 -4.01 -15.02 -22.75
N LEU C 9 -3.16 -14.24 -23.38
CA LEU C 9 -3.58 -13.22 -24.32
C LEU C 9 -3.11 -13.91 -25.60
N ASP C 10 -4.00 -14.73 -26.15
CA ASP C 10 -3.69 -15.50 -27.35
C ASP C 10 -3.98 -14.72 -28.64
N THR C 11 -2.92 -14.41 -29.39
CA THR C 11 -3.10 -13.66 -30.61
C THR C 11 -3.30 -14.49 -31.87
N TYR C 12 -2.88 -15.74 -31.84
CA TYR C 12 -3.00 -16.61 -33.01
C TYR C 12 -3.98 -17.76 -32.80
N PRO C 13 -5.01 -17.86 -33.65
CA PRO C 13 -6.00 -18.94 -33.53
C PRO C 13 -5.52 -20.31 -34.03
N ASN C 14 -5.24 -21.22 -33.11
CA ASN C 14 -4.81 -22.56 -33.49
C ASN C 14 -6.06 -23.43 -33.27
N THR C 15 -7.07 -23.20 -34.12
CA THR C 15 -8.33 -23.92 -34.03
C THR C 15 -8.10 -25.42 -33.95
N ASP C 16 -6.99 -25.87 -34.53
CA ASP C 16 -6.63 -27.28 -34.50
C ASP C 16 -6.57 -27.83 -33.07
N ILE C 17 -6.29 -26.97 -32.09
CA ILE C 17 -6.19 -27.43 -30.72
C ILE C 17 -7.19 -26.79 -29.77
N GLY C 18 -8.29 -26.28 -30.30
CA GLY C 18 -9.28 -25.70 -29.42
C GLY C 18 -9.47 -24.20 -29.47
N ASP C 19 -8.48 -23.45 -29.95
CA ASP C 19 -8.62 -21.99 -30.00
C ASP C 19 -9.82 -21.55 -30.80
N PRO C 20 -10.49 -20.47 -30.35
CA PRO C 20 -11.64 -20.01 -31.12
C PRO C 20 -10.95 -19.49 -32.39
N SER C 21 -11.71 -19.14 -33.42
CA SER C 21 -11.08 -18.67 -34.65
C SER C 21 -10.85 -17.15 -34.66
N TYR C 22 -10.13 -16.67 -33.65
CA TYR C 22 -9.82 -15.24 -33.54
C TYR C 22 -9.02 -14.95 -32.27
N PRO C 23 -8.45 -13.74 -32.15
CA PRO C 23 -7.68 -13.41 -30.95
C PRO C 23 -8.59 -13.53 -29.73
N HIS C 24 -8.05 -14.04 -28.62
CA HIS C 24 -8.86 -14.23 -27.44
C HIS C 24 -8.01 -14.31 -26.19
N ILE C 25 -8.66 -14.15 -25.04
CA ILE C 25 -7.99 -14.25 -23.76
C ILE C 25 -8.65 -15.48 -23.16
N GLY C 26 -7.88 -16.28 -22.43
CA GLY C 26 -8.45 -17.46 -21.84
C GLY C 26 -7.79 -17.82 -20.53
N ILE C 27 -8.41 -18.74 -19.82
CA ILE C 27 -7.91 -19.21 -18.53
C ILE C 27 -7.49 -20.66 -18.68
N ASP C 28 -6.19 -20.92 -18.54
CA ASP C 28 -5.67 -22.27 -18.71
C ASP C 28 -5.32 -22.95 -17.39
N ILE C 29 -5.95 -24.09 -17.12
CA ILE C 29 -5.67 -24.83 -15.91
C ILE C 29 -4.96 -26.09 -16.34
N LYS C 30 -3.64 -26.11 -16.19
CA LYS C 30 -2.82 -27.27 -16.56
C LYS C 30 -2.94 -27.74 -18.02
N SER C 31 -3.41 -26.87 -18.91
CA SER C 31 -3.55 -27.26 -20.30
C SER C 31 -3.73 -26.05 -21.22
N VAL C 32 -3.09 -26.07 -22.38
CA VAL C 32 -3.20 -24.94 -23.30
C VAL C 32 -4.63 -24.83 -23.88
N ARG C 33 -5.44 -25.85 -23.64
CA ARG C 33 -6.83 -25.84 -24.11
C ARG C 33 -7.62 -25.14 -23.01
N SER C 34 -7.72 -23.83 -23.13
CA SER C 34 -8.42 -22.98 -22.17
C SER C 34 -9.78 -23.50 -21.69
N LYS C 35 -9.99 -23.49 -20.38
CA LYS C 35 -11.26 -23.94 -19.81
C LYS C 35 -12.34 -22.92 -20.19
N LYS C 36 -11.93 -21.70 -20.52
CA LYS C 36 -12.89 -20.67 -20.91
C LYS C 36 -12.18 -19.54 -21.64
N THR C 37 -12.79 -19.01 -22.69
CA THR C 37 -12.19 -17.94 -23.46
C THR C 37 -13.17 -16.82 -23.69
N ALA C 38 -12.68 -15.71 -24.23
CA ALA C 38 -13.50 -14.54 -24.53
C ALA C 38 -12.85 -13.85 -25.71
N LYS C 39 -13.67 -13.38 -26.65
CA LYS C 39 -13.11 -12.73 -27.82
C LYS C 39 -12.35 -11.48 -27.37
N TRP C 40 -11.20 -11.26 -28.01
CA TRP C 40 -10.34 -10.14 -27.70
C TRP C 40 -9.95 -9.42 -28.97
N ASN C 41 -10.41 -8.18 -29.12
CA ASN C 41 -10.07 -7.37 -30.28
C ASN C 41 -8.70 -6.75 -30.04
N MET C 42 -7.69 -7.57 -30.23
CA MET C 42 -6.30 -7.16 -30.05
C MET C 42 -6.04 -6.02 -31.04
N GLN C 43 -5.23 -5.06 -30.62
CA GLN C 43 -4.88 -3.92 -31.46
C GLN C 43 -3.38 -3.87 -31.69
N ASN C 44 -2.97 -4.20 -32.91
CA ASN C 44 -1.56 -4.20 -33.27
C ASN C 44 -0.92 -2.83 -33.02
N GLY C 45 0.27 -2.84 -32.42
CA GLY C 45 0.98 -1.59 -32.18
C GLY C 45 0.57 -0.69 -31.03
N LYS C 46 -0.54 -1.00 -30.36
CA LYS C 46 -0.98 -0.17 -29.24
C LYS C 46 -0.70 -0.81 -27.87
N VAL C 47 -0.38 0.03 -26.90
CA VAL C 47 -0.11 -0.42 -25.53
C VAL C 47 -1.40 -0.85 -24.82
N GLY C 48 -1.42 -2.05 -24.26
CA GLY C 48 -2.62 -2.49 -23.57
C GLY C 48 -2.37 -2.88 -22.13
N THR C 49 -3.45 -3.10 -21.38
CA THR C 49 -3.34 -3.47 -19.97
C THR C 49 -4.12 -4.72 -19.62
N ALA C 50 -3.58 -5.49 -18.70
CA ALA C 50 -4.24 -6.71 -18.25
C ALA C 50 -4.36 -6.66 -16.73
N HIS C 51 -5.50 -7.09 -16.22
CA HIS C 51 -5.74 -7.11 -14.78
C HIS C 51 -6.25 -8.51 -14.45
N ILE C 52 -5.57 -9.19 -13.54
CA ILE C 52 -5.98 -10.53 -13.15
C ILE C 52 -6.25 -10.45 -11.66
N ILE C 53 -7.36 -11.04 -11.22
CA ILE C 53 -7.70 -11.02 -9.80
C ILE C 53 -8.23 -12.35 -9.31
N TYR C 54 -8.13 -12.58 -8.00
CA TYR C 54 -8.59 -13.82 -7.41
C TYR C 54 -8.65 -13.70 -5.89
N ASN C 55 -9.63 -14.36 -5.28
CA ASN C 55 -9.73 -14.41 -3.84
C ASN C 55 -10.31 -15.78 -3.48
N SER C 56 -9.88 -16.31 -2.34
CA SER C 56 -10.30 -17.63 -1.90
C SER C 56 -11.73 -17.69 -1.42
N VAL C 57 -12.38 -16.54 -1.21
CA VAL C 57 -13.78 -16.57 -0.76
C VAL C 57 -14.69 -16.94 -1.93
N ASP C 58 -14.53 -16.27 -3.07
CA ASP C 58 -15.35 -16.58 -4.24
C ASP C 58 -14.75 -17.72 -5.06
N LYS C 59 -13.44 -17.93 -4.90
CA LYS C 59 -12.73 -18.95 -5.66
C LYS C 59 -13.02 -18.70 -7.13
N ARG C 60 -12.80 -17.47 -7.56
CA ARG C 60 -13.07 -17.10 -8.93
C ARG C 60 -11.89 -16.33 -9.54
N LEU C 61 -11.31 -16.86 -10.62
CA LEU C 61 -10.19 -16.21 -11.28
C LEU C 61 -10.69 -15.35 -12.46
N SER C 62 -10.52 -14.04 -12.37
CA SER C 62 -10.98 -13.16 -13.43
C SER C 62 -9.87 -12.36 -14.08
N ALA C 63 -10.07 -11.97 -15.33
CA ALA C 63 -9.10 -11.19 -16.05
C ALA C 63 -9.78 -10.20 -16.93
N VAL C 64 -9.17 -9.04 -17.07
CA VAL C 64 -9.70 -7.98 -17.90
C VAL C 64 -8.54 -7.40 -18.68
N VAL C 65 -8.72 -7.31 -19.99
CA VAL C 65 -7.68 -6.75 -20.83
C VAL C 65 -8.32 -5.59 -21.57
N SER C 66 -7.58 -4.50 -21.75
CA SER C 66 -8.15 -3.39 -22.48
C SER C 66 -7.12 -2.43 -23.05
N TYR C 67 -7.62 -1.56 -23.91
CA TYR C 67 -6.82 -0.54 -24.57
C TYR C 67 -7.55 0.76 -24.31
N PRO C 68 -6.82 1.89 -24.30
CA PRO C 68 -7.45 3.19 -24.05
C PRO C 68 -8.59 3.43 -25.03
N ASN C 69 -9.72 3.90 -24.52
CA ASN C 69 -10.90 4.16 -25.34
C ASN C 69 -11.11 3.00 -26.29
N ALA C 70 -11.66 1.91 -25.75
CA ALA C 70 -11.95 0.71 -26.51
C ALA C 70 -12.66 -0.25 -25.57
N ASP C 71 -13.46 -1.14 -26.13
CA ASP C 71 -14.14 -2.09 -25.27
C ASP C 71 -13.04 -2.98 -24.70
N SER C 72 -13.30 -3.54 -23.52
CA SER C 72 -12.35 -4.41 -22.86
C SER C 72 -12.89 -5.83 -22.81
N ALA C 73 -12.02 -6.80 -23.00
CA ALA C 73 -12.42 -8.19 -22.97
C ALA C 73 -12.34 -8.71 -21.53
N THR C 74 -13.32 -9.49 -21.12
CA THR C 74 -13.35 -10.04 -19.78
C THR C 74 -13.59 -11.54 -19.79
N VAL C 75 -13.03 -12.24 -18.82
CA VAL C 75 -13.22 -13.67 -18.71
C VAL C 75 -13.05 -14.06 -17.25
N SER C 76 -13.92 -14.95 -16.79
CA SER C 76 -13.88 -15.45 -15.41
C SER C 76 -14.05 -16.95 -15.39
N TYR C 77 -13.61 -17.57 -14.31
CA TYR C 77 -13.73 -18.99 -14.22
C TYR C 77 -13.67 -19.43 -12.76
N ASP C 78 -14.60 -20.28 -12.35
CA ASP C 78 -14.59 -20.75 -10.97
C ASP C 78 -13.50 -21.81 -10.83
N VAL C 79 -12.62 -21.63 -9.87
CA VAL C 79 -11.56 -22.57 -9.65
C VAL C 79 -10.95 -22.36 -8.28
N ASP C 80 -10.83 -23.45 -7.54
CA ASP C 80 -10.27 -23.39 -6.21
C ASP C 80 -8.78 -23.69 -6.35
N LEU C 81 -7.94 -22.66 -6.25
CA LEU C 81 -6.50 -22.88 -6.41
C LEU C 81 -5.91 -23.84 -5.39
N ASP C 82 -6.59 -24.04 -4.26
CA ASP C 82 -6.07 -24.97 -3.24
C ASP C 82 -5.94 -26.38 -3.83
N ASN C 83 -6.88 -26.75 -4.69
CA ASN C 83 -6.90 -28.07 -5.30
C ASN C 83 -6.03 -28.20 -6.54
N VAL C 84 -5.44 -27.11 -7.01
CA VAL C 84 -4.64 -27.20 -8.22
C VAL C 84 -3.17 -26.87 -8.11
N LEU C 85 -2.81 -25.97 -7.22
CA LEU C 85 -1.42 -25.58 -7.10
C LEU C 85 -0.81 -25.90 -5.76
N PRO C 86 0.52 -25.97 -5.71
CA PRO C 86 1.20 -26.25 -4.44
C PRO C 86 0.94 -25.03 -3.57
N GLU C 87 1.19 -25.17 -2.28
CA GLU C 87 1.02 -24.05 -1.35
C GLU C 87 1.96 -22.89 -1.75
N TRP C 88 3.17 -23.21 -2.21
CA TRP C 88 4.17 -22.22 -2.63
C TRP C 88 4.36 -22.30 -4.13
N VAL C 89 4.44 -21.14 -4.77
CA VAL C 89 4.58 -21.07 -6.21
C VAL C 89 5.46 -19.88 -6.62
N ARG C 90 5.62 -19.72 -7.92
CA ARG C 90 6.33 -18.57 -8.47
C ARG C 90 5.38 -17.98 -9.50
N VAL C 91 5.38 -16.67 -9.65
CA VAL C 91 4.52 -16.02 -10.61
C VAL C 91 5.38 -15.43 -11.72
N GLY C 92 4.87 -15.42 -12.94
CA GLY C 92 5.68 -14.88 -14.01
C GLY C 92 4.90 -14.54 -15.24
N LEU C 93 5.63 -14.08 -16.25
CA LEU C 93 5.05 -13.71 -17.55
C LEU C 93 5.75 -14.56 -18.62
N SER C 94 4.98 -15.04 -19.58
CA SER C 94 5.53 -15.85 -20.66
C SER C 94 5.02 -15.43 -22.05
N ALA C 95 5.82 -15.66 -23.07
CA ALA C 95 5.40 -15.33 -24.43
C ALA C 95 6.14 -16.20 -25.43
N SER C 96 5.65 -16.21 -26.67
CA SER C 96 6.30 -16.99 -27.72
C SER C 96 5.88 -16.51 -29.09
N THR C 97 6.59 -17.04 -30.08
CA THR C 97 6.33 -16.76 -31.49
C THR C 97 6.60 -18.07 -32.18
N GLY C 98 6.02 -18.24 -33.36
CA GLY C 98 6.25 -19.47 -34.10
C GLY C 98 6.59 -19.09 -35.52
N LEU C 99 5.79 -19.58 -36.47
CA LEU C 99 6.03 -19.25 -37.86
C LEU C 99 5.79 -17.76 -37.97
N TYR C 100 4.68 -17.30 -37.42
CA TYR C 100 4.36 -15.87 -37.41
C TYR C 100 4.90 -15.26 -36.11
N LYS C 101 5.16 -13.96 -36.10
CA LYS C 101 5.68 -13.36 -34.88
C LYS C 101 5.07 -12.03 -34.45
N GLU C 102 5.66 -11.45 -33.40
CA GLU C 102 5.20 -10.18 -32.84
C GLU C 102 6.16 -9.87 -31.71
N THR C 103 6.15 -8.62 -31.26
CA THR C 103 6.98 -8.24 -30.14
C THR C 103 6.10 -8.54 -28.94
N ASN C 104 6.71 -8.99 -27.84
CA ASN C 104 5.98 -9.28 -26.63
C ASN C 104 6.66 -8.44 -25.54
N THR C 105 6.51 -7.13 -25.70
CA THR C 105 7.13 -6.18 -24.80
C THR C 105 6.29 -5.85 -23.57
N ILE C 106 6.94 -5.93 -22.42
CA ILE C 106 6.30 -5.65 -21.14
C ILE C 106 6.81 -4.30 -20.62
N LEU C 107 5.89 -3.35 -20.48
CA LEU C 107 6.28 -2.02 -19.99
C LEU C 107 6.24 -1.91 -18.49
N SER C 108 5.40 -2.70 -17.84
CA SER C 108 5.30 -2.67 -16.40
C SER C 108 4.56 -3.90 -15.90
N TRP C 109 4.83 -4.25 -14.65
CA TRP C 109 4.21 -5.40 -14.05
C TRP C 109 4.18 -5.27 -12.53
N SER C 110 2.99 -5.44 -11.94
CA SER C 110 2.88 -5.35 -10.49
C SER C 110 2.06 -6.55 -9.99
N PHE C 111 2.29 -6.93 -8.75
CA PHE C 111 1.62 -8.08 -8.18
C PHE C 111 1.41 -7.88 -6.69
N THR C 112 0.27 -8.29 -6.20
CA THR C 112 0.01 -8.17 -4.77
C THR C 112 -0.62 -9.46 -4.29
N SER C 113 -0.15 -9.93 -3.14
CA SER C 113 -0.63 -11.17 -2.57
C SER C 113 -0.86 -10.98 -1.07
N LYS C 114 -1.95 -11.52 -0.55
CA LYS C 114 -2.26 -11.40 0.88
C LYS C 114 -2.83 -12.68 1.43
N LEU C 115 -2.40 -13.04 2.65
CA LEU C 115 -2.89 -14.23 3.35
C LEU C 115 -3.33 -13.81 4.72
N LYS C 116 -4.63 -13.95 5.01
CA LYS C 116 -5.16 -13.62 6.33
C LYS C 116 -5.26 -14.96 7.05
N SER C 117 -4.55 -15.13 8.16
CA SER C 117 -4.59 -16.39 8.89
C SER C 117 -5.53 -16.32 10.12
N ASN C 118 -5.67 -17.43 10.84
CA ASN C 118 -6.54 -17.49 12.02
C ASN C 118 -6.05 -16.69 13.22
N SER C 119 -6.10 -15.37 13.13
CA SER C 119 -5.67 -14.49 14.23
C SER C 119 -6.09 -13.04 13.99
N THR C 120 -5.88 -12.20 14.99
CA THR C 120 -6.24 -10.79 14.91
C THR C 120 -5.30 -10.01 14.00
N HIS C 121 -5.86 -9.39 12.96
CA HIS C 121 -5.10 -8.60 12.00
C HIS C 121 -3.73 -9.24 11.76
N GLU C 122 -3.76 -10.53 11.44
CA GLU C 122 -2.55 -11.29 11.19
C GLU C 122 -2.43 -11.58 9.69
N THR C 123 -2.12 -10.54 8.92
CA THR C 123 -1.98 -10.67 7.46
C THR C 123 -0.55 -10.71 6.97
N ASN C 124 -0.29 -11.56 5.99
CA ASN C 124 1.02 -11.65 5.39
C ASN C 124 0.82 -11.11 3.99
N ALA C 125 1.71 -10.23 3.54
CA ALA C 125 1.54 -9.68 2.21
C ALA C 125 2.84 -9.60 1.47
N LEU C 126 2.72 -9.62 0.15
CA LEU C 126 3.86 -9.49 -0.74
C LEU C 126 3.44 -8.55 -1.86
N HIS C 127 4.27 -7.58 -2.14
CA HIS C 127 3.96 -6.67 -3.23
C HIS C 127 5.20 -6.22 -3.97
N PHE C 128 5.13 -6.21 -5.29
CA PHE C 128 6.25 -5.71 -6.07
C PHE C 128 5.67 -4.97 -7.26
N MET C 129 6.39 -3.95 -7.71
CA MET C 129 5.96 -3.15 -8.84
C MET C 129 7.15 -2.84 -9.71
N PHE C 130 7.07 -3.19 -10.99
CA PHE C 130 8.13 -2.90 -11.93
C PHE C 130 7.60 -1.94 -12.98
N ASN C 131 8.22 -0.78 -13.12
CA ASN C 131 7.82 0.16 -14.15
C ASN C 131 9.01 0.34 -15.05
N GLN C 132 10.17 0.00 -14.52
CA GLN C 132 11.41 0.16 -15.23
C GLN C 132 12.19 -1.13 -15.00
N PHE C 133 12.67 -1.74 -16.08
CA PHE C 133 13.45 -2.97 -15.98
C PHE C 133 14.89 -2.63 -16.32
N SER C 134 15.82 -2.89 -15.41
CA SER C 134 17.22 -2.56 -15.67
C SER C 134 17.97 -3.73 -16.32
N LYS C 135 19.16 -3.46 -16.82
CA LYS C 135 19.97 -4.48 -17.49
C LYS C 135 20.26 -5.67 -16.60
N ASP C 136 20.55 -5.42 -15.33
CA ASP C 136 20.84 -6.50 -14.39
C ASP C 136 19.76 -6.51 -13.33
N GLN C 137 18.61 -7.05 -13.70
CA GLN C 137 17.45 -7.14 -12.83
C GLN C 137 17.59 -8.40 -11.98
N LYS C 138 18.25 -8.29 -10.84
CA LYS C 138 18.48 -9.45 -9.99
C LYS C 138 17.29 -10.09 -9.30
N ASP C 139 16.14 -9.42 -9.29
CA ASP C 139 14.97 -10.01 -8.63
C ASP C 139 14.02 -10.68 -9.61
N LEU C 140 14.47 -10.82 -10.86
CA LEU C 140 13.71 -11.51 -11.89
C LEU C 140 14.54 -12.68 -12.35
N ILE C 141 13.88 -13.81 -12.61
CA ILE C 141 14.57 -14.99 -13.13
C ILE C 141 14.18 -15.00 -14.60
N LEU C 142 15.14 -14.76 -15.49
CA LEU C 142 14.84 -14.76 -16.93
C LEU C 142 15.13 -16.13 -17.53
N GLN C 143 14.20 -16.65 -18.32
CA GLN C 143 14.38 -17.94 -18.96
C GLN C 143 14.18 -17.79 -20.47
N GLY C 144 14.84 -18.65 -21.25
CA GLY C 144 14.70 -18.58 -22.69
C GLY C 144 15.27 -17.30 -23.28
N ASP C 145 14.55 -16.69 -24.22
CA ASP C 145 15.00 -15.46 -24.87
C ASP C 145 14.71 -14.14 -24.17
N ALA C 146 14.08 -14.17 -23.00
CA ALA C 146 13.73 -12.93 -22.30
C ALA C 146 14.92 -12.08 -21.88
N THR C 147 14.84 -10.78 -22.15
CA THR C 147 15.89 -9.84 -21.76
C THR C 147 15.29 -8.53 -21.28
N THR C 148 16.08 -7.74 -20.57
CA THR C 148 15.66 -6.44 -20.06
C THR C 148 16.68 -5.40 -20.49
N GLY C 149 16.34 -4.12 -20.35
CA GLY C 149 17.27 -3.06 -20.71
C GLY C 149 16.91 -2.16 -21.89
N THR C 150 16.42 -2.79 -22.96
CA THR C 150 16.04 -2.06 -24.17
C THR C 150 14.92 -1.07 -23.88
N ASP C 151 15.31 0.15 -23.53
CA ASP C 151 14.37 1.22 -23.20
C ASP C 151 13.83 1.01 -21.80
N GLY C 152 14.47 0.12 -21.05
CA GLY C 152 14.01 -0.17 -19.70
C GLY C 152 12.77 -1.05 -19.72
N ASN C 153 12.55 -1.73 -20.84
CA ASN C 153 11.40 -2.61 -21.01
C ASN C 153 11.83 -4.06 -20.89
N LEU C 154 10.87 -4.97 -20.79
CA LEU C 154 11.15 -6.39 -20.70
C LEU C 154 10.70 -6.99 -22.01
N GLU C 155 11.63 -7.59 -22.74
CA GLU C 155 11.31 -8.23 -24.02
C GLU C 155 11.23 -9.73 -23.74
N LEU C 156 10.04 -10.29 -23.79
CA LEU C 156 9.88 -11.71 -23.52
C LEU C 156 10.48 -12.56 -24.62
N THR C 157 10.20 -12.22 -25.88
CA THR C 157 10.76 -12.97 -27.00
C THR C 157 11.83 -12.11 -27.68
N ARG C 158 12.67 -12.77 -28.47
CA ARG C 158 13.78 -12.12 -29.17
C ARG C 158 13.36 -11.02 -30.16
N VAL C 159 14.13 -9.94 -30.17
CA VAL C 159 13.88 -8.81 -31.05
C VAL C 159 15.22 -8.31 -31.60
N SER C 160 15.36 -8.26 -32.92
CA SER C 160 16.60 -7.80 -33.52
C SER C 160 16.90 -6.35 -33.16
N SER C 161 18.18 -5.98 -33.24
CA SER C 161 18.62 -4.63 -32.91
C SER C 161 17.81 -3.52 -33.60
N ASN C 162 17.38 -3.76 -34.84
CA ASN C 162 16.60 -2.75 -35.55
C ASN C 162 15.23 -2.63 -34.92
N GLY C 163 14.82 -3.65 -34.17
CA GLY C 163 13.54 -3.62 -33.51
C GLY C 163 12.47 -4.59 -34.01
N SER C 164 12.81 -5.44 -34.97
CA SER C 164 11.84 -6.39 -35.50
C SER C 164 11.83 -7.72 -34.73
N PRO C 165 10.63 -8.31 -34.55
CA PRO C 165 10.42 -9.58 -33.83
C PRO C 165 11.01 -10.74 -34.60
N GLN C 166 11.35 -11.80 -33.87
CA GLN C 166 11.90 -13.02 -34.46
C GLN C 166 10.87 -14.13 -34.27
N GLY C 167 10.85 -15.09 -35.18
CA GLY C 167 9.92 -16.19 -35.06
C GLY C 167 10.60 -17.28 -34.28
N SER C 168 9.88 -18.33 -33.94
CA SER C 168 10.44 -19.44 -33.19
C SER C 168 11.15 -19.00 -31.92
N SER C 169 10.53 -18.09 -31.17
CA SER C 169 11.13 -17.59 -29.93
C SER C 169 10.25 -17.87 -28.72
N VAL C 170 10.89 -18.10 -27.57
CA VAL C 170 10.16 -18.34 -26.34
C VAL C 170 10.90 -17.74 -25.15
N GLY C 171 10.17 -17.01 -24.29
CA GLY C 171 10.81 -16.39 -23.15
C GLY C 171 9.88 -16.29 -21.96
N ARG C 172 10.47 -16.16 -20.77
CA ARG C 172 9.70 -16.06 -19.53
C ARG C 172 10.44 -15.20 -18.51
N ALA C 173 9.70 -14.59 -17.61
CA ALA C 173 10.30 -13.81 -16.53
C ALA C 173 9.49 -14.13 -15.26
N LEU C 174 10.16 -14.68 -14.24
CA LEU C 174 9.49 -15.03 -12.99
C LEU C 174 10.04 -14.18 -11.84
N PHE C 175 9.19 -13.83 -10.87
CA PHE C 175 9.68 -13.06 -9.74
C PHE C 175 10.53 -14.03 -8.92
N TYR C 176 11.66 -13.53 -8.43
CA TYR C 176 12.62 -14.33 -7.69
C TYR C 176 12.10 -15.06 -6.46
N ALA C 177 11.42 -14.36 -5.58
CA ALA C 177 10.91 -14.99 -4.35
C ALA C 177 9.66 -15.85 -4.53
N PRO C 178 9.60 -16.99 -3.83
CA PRO C 178 8.44 -17.86 -3.92
C PRO C 178 7.30 -17.10 -3.26
N VAL C 179 6.08 -17.32 -3.74
CA VAL C 179 4.88 -16.67 -3.20
C VAL C 179 4.00 -17.70 -2.48
N HIS C 180 3.53 -17.35 -1.28
CA HIS C 180 2.68 -18.27 -0.53
C HIS C 180 1.26 -17.99 -0.99
N ILE C 181 0.80 -18.73 -2.00
CA ILE C 181 -0.50 -18.52 -2.61
C ILE C 181 -1.73 -18.99 -1.84
N TRP C 182 -1.55 -19.89 -0.89
CA TRP C 182 -2.67 -20.37 -0.07
C TRP C 182 -2.14 -21.16 1.10
N GLU C 183 -2.97 -21.34 2.12
CA GLU C 183 -2.58 -22.08 3.31
C GLU C 183 -3.80 -22.73 3.95
N SER C 184 -3.62 -23.94 4.44
CA SER C 184 -4.71 -24.69 5.04
C SER C 184 -5.52 -23.85 6.02
N SER C 185 -4.83 -23.17 6.92
CA SER C 185 -5.49 -22.34 7.93
C SER C 185 -5.64 -20.87 7.54
N ALA C 186 -6.04 -20.61 6.29
CA ALA C 186 -6.19 -19.23 5.83
C ALA C 186 -7.66 -18.81 5.79
N VAL C 187 -7.94 -17.63 6.34
CA VAL C 187 -9.30 -17.11 6.36
C VAL C 187 -9.61 -16.53 5.00
N VAL C 188 -8.65 -15.81 4.45
CA VAL C 188 -8.79 -15.20 3.14
C VAL C 188 -7.43 -15.10 2.48
N ALA C 189 -7.37 -15.42 1.20
CA ALA C 189 -6.14 -15.33 0.44
C ALA C 189 -6.55 -14.66 -0.86
N SER C 190 -5.70 -13.80 -1.39
CA SER C 190 -6.07 -13.16 -2.63
C SER C 190 -4.86 -12.60 -3.29
N PHE C 191 -4.93 -12.43 -4.60
CA PHE C 191 -3.82 -11.84 -5.30
C PHE C 191 -4.37 -10.97 -6.41
N GLU C 192 -3.53 -10.11 -6.92
CA GLU C 192 -3.93 -9.17 -7.95
C GLU C 192 -2.66 -8.96 -8.78
N ALA C 193 -2.80 -8.95 -10.10
CA ALA C 193 -1.67 -8.75 -10.99
C ALA C 193 -2.04 -7.79 -12.08
N THR C 194 -1.07 -6.99 -12.51
CA THR C 194 -1.32 -6.03 -13.56
C THR C 194 -0.07 -5.87 -14.37
N PHE C 195 -0.22 -5.72 -15.69
CA PHE C 195 0.93 -5.50 -16.55
C PHE C 195 0.48 -4.83 -17.83
N THR C 196 1.30 -3.95 -18.36
CA THR C 196 0.98 -3.28 -19.60
C THR C 196 1.94 -3.87 -20.62
N PHE C 197 1.42 -4.12 -21.82
CA PHE C 197 2.21 -4.76 -22.88
C PHE C 197 2.06 -4.03 -24.22
N LEU C 198 3.00 -4.31 -25.11
CA LEU C 198 2.98 -3.73 -26.44
C LEU C 198 3.24 -4.86 -27.43
N ILE C 199 2.18 -5.30 -28.12
CA ILE C 199 2.35 -6.34 -29.11
C ILE C 199 2.33 -5.68 -30.48
N LYS C 200 3.47 -5.76 -31.16
CA LYS C 200 3.64 -5.15 -32.48
C LYS C 200 3.98 -6.25 -33.49
N SER C 201 3.16 -6.38 -34.54
CA SER C 201 3.41 -7.39 -35.56
C SER C 201 3.56 -6.76 -36.94
N PRO C 202 4.78 -6.83 -37.51
CA PRO C 202 5.10 -6.27 -38.84
C PRO C 202 4.51 -7.13 -39.95
N ASP C 203 4.80 -8.43 -39.86
CA ASP C 203 4.37 -9.44 -40.83
C ASP C 203 2.87 -9.67 -40.91
N SER C 204 2.54 -10.83 -41.47
CA SER C 204 1.16 -11.29 -41.68
C SER C 204 0.28 -11.11 -40.44
N HIS C 205 0.10 -12.21 -39.72
CA HIS C 205 -0.70 -12.22 -38.52
C HIS C 205 0.25 -12.16 -37.34
N PRO C 206 -0.26 -11.71 -36.18
CA PRO C 206 0.54 -11.63 -34.97
C PRO C 206 0.48 -13.01 -34.34
N ALA C 207 1.53 -13.39 -33.62
CA ALA C 207 1.57 -14.68 -32.94
C ALA C 207 2.80 -14.66 -32.04
N ASP C 208 2.81 -15.43 -30.95
CA ASP C 208 1.70 -16.31 -30.56
C ASP C 208 0.90 -15.83 -29.34
N GLY C 209 1.48 -14.92 -28.58
CA GLY C 209 0.78 -14.42 -27.41
C GLY C 209 1.60 -14.28 -26.15
N ILE C 210 0.96 -13.67 -25.15
CA ILE C 210 1.59 -13.44 -23.87
C ILE C 210 0.70 -14.07 -22.81
N ALA C 211 1.31 -14.48 -21.71
CA ALA C 211 0.53 -15.06 -20.63
C ALA C 211 1.09 -14.78 -19.24
N PHE C 212 0.17 -14.60 -18.30
CA PHE C 212 0.52 -14.42 -16.90
C PHE C 212 0.34 -15.82 -16.32
N PHE C 213 1.31 -16.33 -15.59
CA PHE C 213 1.13 -17.66 -15.03
C PHE C 213 1.63 -17.83 -13.62
N ILE C 214 1.13 -18.88 -12.99
CA ILE C 214 1.52 -19.25 -11.64
C ILE C 214 1.97 -20.70 -11.82
N SER C 215 3.06 -21.09 -11.18
CA SER C 215 3.56 -22.44 -11.35
C SER C 215 4.33 -22.92 -10.13
N ASN C 216 4.76 -24.18 -10.18
CA ASN C 216 5.57 -24.72 -9.10
C ASN C 216 6.87 -23.91 -9.11
N ILE C 217 7.47 -23.76 -7.95
CA ILE C 217 8.69 -23.00 -7.76
C ILE C 217 9.83 -23.27 -8.75
N ASP C 218 10.07 -24.54 -9.05
CA ASP C 218 11.16 -24.91 -9.93
C ASP C 218 10.79 -25.05 -11.40
N SER C 219 9.77 -24.34 -11.84
CA SER C 219 9.35 -24.42 -13.24
C SER C 219 10.34 -23.83 -14.25
N SER C 220 10.43 -24.45 -15.41
CA SER C 220 11.30 -23.97 -16.49
C SER C 220 10.60 -24.20 -17.82
N ILE C 221 11.10 -23.56 -18.88
CA ILE C 221 10.48 -23.72 -20.20
C ILE C 221 10.53 -25.15 -20.73
N PRO C 222 9.36 -25.70 -21.11
CA PRO C 222 9.27 -27.05 -21.65
C PRO C 222 9.93 -27.03 -23.04
N SER C 223 10.66 -28.08 -23.39
CA SER C 223 11.31 -28.13 -24.70
C SER C 223 10.30 -28.08 -25.84
N GLY C 224 10.65 -27.29 -26.86
CA GLY C 224 9.80 -27.16 -28.02
C GLY C 224 8.48 -26.47 -27.74
N SER C 225 8.40 -25.75 -26.64
CA SER C 225 7.17 -25.06 -26.30
C SER C 225 7.05 -23.69 -26.96
N THR C 226 7.66 -23.52 -28.13
CA THR C 226 7.52 -22.25 -28.85
C THR C 226 6.16 -22.29 -29.54
N GLY C 227 5.82 -21.25 -30.28
CA GLY C 227 4.53 -21.23 -30.98
C GLY C 227 3.28 -21.34 -30.11
N ARG C 228 2.34 -22.17 -30.54
CA ARG C 228 1.06 -22.39 -29.87
C ARG C 228 1.13 -22.73 -28.38
N LEU C 229 2.24 -23.28 -27.92
CA LEU C 229 2.34 -23.67 -26.52
C LEU C 229 2.70 -22.55 -25.54
N LEU C 230 2.93 -21.35 -26.07
CA LEU C 230 3.22 -20.18 -25.24
C LEU C 230 4.31 -20.34 -24.16
N GLY C 231 5.25 -21.25 -24.37
CA GLY C 231 6.30 -21.44 -23.39
C GLY C 231 5.78 -21.96 -22.06
N LEU C 232 4.57 -22.48 -22.05
CA LEU C 232 4.00 -23.00 -20.80
C LEU C 232 3.77 -24.51 -20.75
N PHE C 233 3.35 -25.10 -21.87
CA PHE C 233 3.05 -26.52 -21.88
C PHE C 233 3.93 -27.37 -22.79
N PRO C 234 4.20 -28.63 -22.39
CA PRO C 234 5.03 -29.58 -23.13
C PRO C 234 4.32 -30.09 -24.40
N ASP C 235 2.98 -30.15 -24.36
CA ASP C 235 2.21 -30.61 -25.50
C ASP C 235 0.85 -29.91 -25.55
N ALA C 236 0.03 -30.25 -26.55
CA ALA C 236 -1.27 -29.62 -26.71
C ALA C 236 -2.43 -30.43 -26.16
N ASN C 237 -2.16 -31.28 -25.18
CA ASN C 237 -3.20 -32.09 -24.57
C ASN C 237 -4.03 -31.24 -23.59
N ALA D 1 35.25 -10.30 2.50
CA ALA D 1 34.22 -10.17 3.58
C ALA D 1 32.91 -9.52 3.10
N ASP D 2 31.93 -9.45 4.00
CA ASP D 2 30.66 -8.86 3.64
C ASP D 2 30.63 -7.38 3.98
N THR D 3 29.63 -6.70 3.43
CA THR D 3 29.42 -5.29 3.68
C THR D 3 28.14 -5.22 4.50
N ILE D 4 28.26 -4.73 5.71
CA ILE D 4 27.11 -4.65 6.60
C ILE D 4 26.79 -3.25 7.09
N VAL D 5 25.51 -2.94 7.12
CA VAL D 5 24.98 -1.69 7.64
C VAL D 5 23.91 -2.25 8.54
N ALA D 6 23.91 -1.88 9.81
CA ALA D 6 22.93 -2.43 10.72
C ALA D 6 22.49 -1.50 11.84
N VAL D 7 21.34 -1.83 12.40
CA VAL D 7 20.79 -1.10 13.52
C VAL D 7 20.68 -2.17 14.57
N GLU D 8 21.48 -2.03 15.61
CA GLU D 8 21.48 -3.04 16.67
C GLU D 8 20.69 -2.64 17.90
N LEU D 9 20.03 -3.64 18.48
CA LEU D 9 19.29 -3.49 19.71
C LEU D 9 20.24 -4.32 20.57
N ASP D 10 21.24 -3.65 21.15
CA ASP D 10 22.28 -4.26 21.95
C ASP D 10 21.89 -4.34 23.41
N THR D 11 21.69 -5.55 23.92
CA THR D 11 21.29 -5.74 25.31
C THR D 11 22.45 -5.92 26.29
N TYR D 12 23.61 -6.34 25.81
CA TYR D 12 24.76 -6.59 26.68
C TYR D 12 25.91 -5.61 26.45
N PRO D 13 26.28 -4.86 27.48
CA PRO D 13 27.38 -3.89 27.34
C PRO D 13 28.78 -4.50 27.29
N ASN D 14 29.38 -4.52 26.11
CA ASN D 14 30.74 -5.03 26.00
C ASN D 14 31.63 -3.78 25.92
N THR D 15 31.70 -3.04 27.03
CA THR D 15 32.49 -1.82 27.10
C THR D 15 33.91 -1.97 26.56
N ASP D 16 34.50 -3.15 26.69
CA ASP D 16 35.86 -3.27 26.20
C ASP D 16 35.90 -2.93 24.70
N ILE D 17 34.85 -3.28 23.95
CA ILE D 17 34.86 -2.98 22.51
C ILE D 17 34.07 -1.75 22.08
N GLY D 18 33.79 -0.84 23.01
CA GLY D 18 33.09 0.38 22.63
C GLY D 18 31.67 0.57 23.10
N ASP D 19 30.98 -0.50 23.48
CA ASP D 19 29.60 -0.37 23.95
C ASP D 19 29.51 0.56 25.14
N PRO D 20 28.43 1.33 25.23
CA PRO D 20 28.27 2.22 26.38
C PRO D 20 28.02 1.21 27.51
N SER D 21 28.00 1.65 28.76
CA SER D 21 27.79 0.71 29.84
C SER D 21 26.32 0.50 30.21
N TYR D 22 25.48 0.22 29.21
CA TYR D 22 24.05 -0.01 29.39
C TYR D 22 23.40 -0.42 28.07
N PRO D 23 22.21 -1.05 28.14
CA PRO D 23 21.53 -1.47 26.91
C PRO D 23 21.43 -0.27 25.99
N HIS D 24 21.55 -0.49 24.69
CA HIS D 24 21.52 0.64 23.76
C HIS D 24 21.17 0.20 22.34
N ILE D 25 20.79 1.17 21.52
CA ILE D 25 20.51 0.91 20.12
C ILE D 25 21.59 1.70 19.41
N GLY D 26 22.11 1.16 18.33
CA GLY D 26 23.16 1.85 17.62
C GLY D 26 23.11 1.56 16.14
N ILE D 27 23.88 2.34 15.39
CA ILE D 27 23.96 2.21 13.95
C ILE D 27 25.37 1.78 13.61
N ASP D 28 25.48 0.59 13.02
CA ASP D 28 26.77 0.03 12.67
C ASP D 28 27.04 0.08 11.19
N ILE D 29 28.13 0.73 10.80
CA ILE D 29 28.49 0.79 9.40
C ILE D 29 29.78 -0.04 9.27
N LYS D 30 29.64 -1.27 8.77
CA LYS D 30 30.78 -2.16 8.56
C LYS D 30 31.61 -2.48 9.79
N SER D 31 31.06 -2.27 10.97
CA SER D 31 31.80 -2.53 12.20
C SER D 31 30.86 -2.61 13.39
N VAL D 32 31.13 -3.55 14.30
CA VAL D 32 30.31 -3.72 15.50
C VAL D 32 30.47 -2.51 16.44
N ARG D 33 31.46 -1.67 16.18
CA ARG D 33 31.66 -0.48 17.01
C ARG D 33 30.80 0.62 16.41
N SER D 34 29.57 0.71 16.89
CA SER D 34 28.55 1.67 16.46
C SER D 34 29.07 3.07 16.20
N LYS D 35 28.66 3.68 15.09
CA LYS D 35 29.08 5.03 14.77
C LYS D 35 28.30 5.97 15.68
N LYS D 36 27.19 5.48 16.22
CA LYS D 36 26.38 6.30 17.10
C LYS D 36 25.43 5.44 17.89
N THR D 37 25.26 5.75 19.17
CA THR D 37 24.38 4.96 20.00
C THR D 37 23.43 5.85 20.81
N ALA D 38 22.45 5.23 21.45
CA ALA D 38 21.48 5.95 22.27
C ALA D 38 21.09 5.00 23.38
N LYS D 39 20.93 5.52 24.59
CA LYS D 39 20.56 4.65 25.69
C LYS D 39 19.19 4.06 25.42
N TRP D 40 19.05 2.77 25.72
CA TRP D 40 17.80 2.06 25.53
C TRP D 40 17.38 1.30 26.78
N ASN D 41 16.26 1.71 27.38
CA ASN D 41 15.76 1.04 28.57
C ASN D 41 14.99 -0.21 28.15
N MET D 42 15.75 -1.25 27.84
CA MET D 42 15.18 -2.51 27.41
C MET D 42 14.29 -3.03 28.55
N GLN D 43 13.19 -3.69 28.18
CA GLN D 43 12.27 -4.25 29.16
C GLN D 43 12.13 -5.74 29.00
N ASN D 44 12.74 -6.49 29.93
CA ASN D 44 12.71 -7.95 29.90
C ASN D 44 11.27 -8.48 29.83
N GLY D 45 11.05 -9.48 28.98
CA GLY D 45 9.75 -10.08 28.85
C GLY D 45 8.64 -9.31 28.15
N LYS D 46 8.87 -8.04 27.81
CA LYS D 46 7.83 -7.27 27.13
C LYS D 46 8.03 -7.13 25.61
N VAL D 47 6.93 -7.16 24.86
CA VAL D 47 6.99 -7.04 23.40
C VAL D 47 7.33 -5.61 22.98
N GLY D 48 8.31 -5.45 22.10
CA GLY D 48 8.68 -4.11 21.66
C GLY D 48 8.66 -3.93 20.16
N THR D 49 8.80 -2.68 19.73
CA THR D 49 8.78 -2.38 18.30
C THR D 49 9.95 -1.53 17.85
N ALA D 50 10.46 -1.81 16.66
CA ALA D 50 11.56 -1.07 16.09
C ALA D 50 11.11 -0.52 14.75
N HIS D 51 11.49 0.71 14.45
CA HIS D 51 11.16 1.35 13.18
C HIS D 51 12.46 1.90 12.63
N ILE D 52 12.81 1.50 11.41
CA ILE D 52 14.02 2.01 10.78
C ILE D 52 13.58 2.71 9.50
N ILE D 53 14.14 3.88 9.22
CA ILE D 53 13.77 4.62 8.01
C ILE D 53 14.99 5.26 7.35
N TYR D 54 14.87 5.53 6.06
CA TYR D 54 15.96 6.15 5.31
C TYR D 54 15.46 6.64 3.95
N ASN D 55 16.00 7.76 3.49
CA ASN D 55 15.66 8.25 2.17
C ASN D 55 16.92 8.90 1.63
N SER D 56 17.13 8.77 0.33
CA SER D 56 18.31 9.32 -0.32
C SER D 56 18.36 10.84 -0.37
N VAL D 57 17.25 11.52 -0.08
CA VAL D 57 17.30 12.98 -0.11
C VAL D 57 18.04 13.48 1.12
N ASP D 58 17.65 13.03 2.30
CA ASP D 58 18.33 13.46 3.52
C ASP D 58 19.59 12.66 3.83
N LYS D 59 19.69 11.47 3.24
CA LYS D 59 20.84 10.59 3.48
C LYS D 59 20.98 10.47 4.97
N ARG D 60 19.91 10.06 5.63
CA ARG D 60 19.90 9.94 7.08
C ARG D 60 19.20 8.68 7.52
N LEU D 61 19.93 7.81 8.20
CA LEU D 61 19.39 6.55 8.70
C LEU D 61 18.95 6.73 10.17
N SER D 62 17.65 6.52 10.41
CA SER D 62 17.10 6.70 11.74
C SER D 62 16.36 5.49 12.23
N ALA D 63 16.39 5.28 13.54
CA ALA D 63 15.71 4.14 14.14
C ALA D 63 15.04 4.57 15.43
N VAL D 64 13.88 3.97 15.67
CA VAL D 64 13.10 4.24 16.87
C VAL D 64 12.66 2.90 17.45
N VAL D 65 12.95 2.69 18.72
CA VAL D 65 12.55 1.46 19.39
C VAL D 65 11.68 1.86 20.57
N SER D 66 10.61 1.12 20.80
CA SER D 66 9.77 1.47 21.93
C SER D 66 8.90 0.33 22.43
N TYR D 67 8.31 0.57 23.60
CA TYR D 67 7.44 -0.38 24.27
C TYR D 67 6.18 0.39 24.56
N PRO D 68 5.04 -0.30 24.68
CA PRO D 68 3.79 0.40 24.97
C PRO D 68 3.89 1.21 26.27
N ASN D 69 3.38 2.43 26.26
CA ASN D 69 3.43 3.32 27.41
C ASN D 69 4.81 3.28 28.05
N ALA D 70 5.77 3.92 27.38
CA ALA D 70 7.14 3.99 27.85
C ALA D 70 7.88 4.93 26.91
N ASP D 71 8.96 5.52 27.37
CA ASP D 71 9.72 6.42 26.51
C ASP D 71 10.33 5.57 25.43
N SER D 72 10.59 6.17 24.29
CA SER D 72 11.19 5.44 23.18
C SER D 72 12.59 5.94 22.94
N ALA D 73 13.49 5.05 22.55
CA ALA D 73 14.86 5.43 22.27
C ALA D 73 14.97 5.73 20.78
N THR D 74 15.73 6.77 20.44
CA THR D 74 15.91 7.17 19.05
C THR D 74 17.38 7.38 18.73
N VAL D 75 17.75 7.11 17.48
CA VAL D 75 19.11 7.31 17.05
C VAL D 75 19.11 7.57 15.55
N SER D 76 19.90 8.54 15.11
CA SER D 76 20.01 8.89 13.70
C SER D 76 21.46 9.05 13.33
N TYR D 77 21.73 8.94 12.04
CA TYR D 77 23.11 9.08 11.60
C TYR D 77 23.17 9.45 10.12
N ASP D 78 23.96 10.46 9.80
CA ASP D 78 24.09 10.83 8.41
C ASP D 78 25.00 9.82 7.73
N VAL D 79 24.52 9.28 6.63
CA VAL D 79 25.25 8.32 5.86
C VAL D 79 24.58 8.15 4.51
N ASP D 80 25.39 8.24 3.46
CA ASP D 80 24.89 8.07 2.12
C ASP D 80 25.12 6.58 1.79
N LEU D 81 24.05 5.79 1.73
CA LEU D 81 24.23 4.37 1.43
C LEU D 81 24.82 4.07 0.02
N ASP D 82 24.79 5.02 -0.90
CA ASP D 82 25.37 4.84 -2.24
C ASP D 82 26.87 4.60 -2.10
N ASN D 83 27.47 5.24 -1.11
CA ASN D 83 28.90 5.11 -0.91
C ASN D 83 29.31 3.88 -0.08
N VAL D 84 28.35 3.16 0.49
CA VAL D 84 28.69 2.04 1.33
C VAL D 84 28.26 0.67 0.84
N LEU D 85 27.04 0.58 0.35
CA LEU D 85 26.51 -0.70 -0.09
C LEU D 85 26.45 -0.90 -1.58
N PRO D 86 26.47 -2.16 -2.01
CA PRO D 86 26.39 -2.36 -3.46
C PRO D 86 24.96 -1.98 -3.84
N GLU D 87 24.71 -1.82 -5.13
CA GLU D 87 23.41 -1.46 -5.66
C GLU D 87 22.31 -2.47 -5.28
N TRP D 88 22.66 -3.76 -5.25
CA TRP D 88 21.73 -4.83 -4.86
C TRP D 88 22.18 -5.43 -3.56
N VAL D 89 21.23 -5.69 -2.67
CA VAL D 89 21.51 -6.24 -1.35
C VAL D 89 20.38 -7.14 -0.87
N ARG D 90 20.57 -7.74 0.29
CA ARG D 90 19.54 -8.53 0.92
C ARG D 90 19.30 -7.91 2.29
N VAL D 91 18.06 -7.93 2.77
CA VAL D 91 17.77 -7.38 4.08
C VAL D 91 17.42 -8.54 5.03
N GLY D 92 17.75 -8.39 6.30
CA GLY D 92 17.47 -9.46 7.23
C GLY D 92 17.52 -9.05 8.68
N LEU D 93 17.29 -10.03 9.55
CA LEU D 93 17.32 -9.83 11.00
C LEU D 93 18.34 -10.81 11.56
N SER D 94 19.11 -10.36 12.55
CA SER D 94 20.12 -11.20 13.16
C SER D 94 20.15 -11.07 14.68
N ALA D 95 20.52 -12.15 15.36
CA ALA D 95 20.61 -12.13 16.83
C ALA D 95 21.59 -13.17 17.31
N SER D 96 22.02 -13.02 18.56
CA SER D 96 22.96 -13.97 19.13
C SER D 96 22.88 -13.96 20.65
N THR D 97 23.59 -14.91 21.24
CA THR D 97 23.70 -15.05 22.69
C THR D 97 25.13 -15.55 22.89
N GLY D 98 25.69 -15.28 24.05
CA GLY D 98 27.04 -15.74 24.34
C GLY D 98 27.00 -16.48 25.66
N LEU D 99 27.76 -16.02 26.64
CA LEU D 99 27.77 -16.63 27.96
C LEU D 99 26.37 -16.43 28.54
N TYR D 100 25.86 -15.21 28.43
CA TYR D 100 24.52 -14.91 28.91
C TYR D 100 23.56 -15.03 27.72
N LYS D 101 22.29 -15.29 27.97
CA LYS D 101 21.35 -15.43 26.87
C LYS D 101 20.01 -14.72 27.02
N GLU D 102 19.15 -14.93 26.05
CA GLU D 102 17.83 -14.32 26.03
C GLU D 102 17.13 -14.90 24.81
N THR D 103 15.81 -14.73 24.75
CA THR D 103 15.09 -15.20 23.57
C THR D 103 15.15 -14.01 22.63
N ASN D 104 15.24 -14.29 21.33
CA ASN D 104 15.29 -13.25 20.31
C ASN D 104 14.16 -13.62 19.36
N THR D 105 12.94 -13.50 19.89
CA THR D 105 11.74 -13.83 19.17
C THR D 105 11.17 -12.69 18.34
N ILE D 106 10.90 -12.97 17.07
CA ILE D 106 10.35 -11.98 16.18
C ILE D 106 8.89 -12.31 15.92
N LEU D 107 8.00 -11.38 16.29
CA LEU D 107 6.58 -11.61 16.08
C LEU D 107 6.09 -11.15 14.73
N SER D 108 6.74 -10.15 14.17
CA SER D 108 6.36 -9.66 12.86
C SER D 108 7.48 -8.84 12.26
N TRP D 109 7.45 -8.71 10.94
CA TRP D 109 8.47 -7.95 10.25
C TRP D 109 7.94 -7.48 8.92
N SER D 110 8.05 -6.19 8.64
CA SER D 110 7.60 -5.66 7.35
C SER D 110 8.71 -4.77 6.80
N PHE D 111 8.74 -4.62 5.48
CA PHE D 111 9.78 -3.85 4.81
C PHE D 111 9.22 -3.22 3.54
N THR D 112 9.57 -1.97 3.28
CA THR D 112 9.11 -1.33 2.05
C THR D 112 10.28 -0.59 1.43
N SER D 113 10.41 -0.73 0.13
CA SER D 113 11.49 -0.10 -0.60
C SER D 113 10.94 0.52 -1.87
N LYS D 114 11.40 1.73 -2.19
CA LYS D 114 10.95 2.43 -3.39
C LYS D 114 12.12 3.11 -4.12
N LEU D 115 12.10 3.05 -5.44
CA LEU D 115 13.11 3.71 -6.28
C LEU D 115 12.38 4.54 -7.31
N LYS D 116 12.56 5.85 -7.27
CA LYS D 116 11.93 6.76 -8.24
C LYS D 116 13.04 7.06 -9.23
N SER D 117 12.84 6.74 -10.50
CA SER D 117 13.86 6.99 -11.52
C SER D 117 13.58 8.23 -12.39
N ASN D 118 14.47 8.56 -13.30
CA ASN D 118 14.30 9.74 -14.14
C ASN D 118 13.18 9.61 -15.18
N SER D 119 11.94 9.65 -14.72
CA SER D 119 10.78 9.54 -15.60
C SER D 119 9.48 9.89 -14.88
N THR D 120 8.39 9.99 -15.64
CA THR D 120 7.08 10.32 -15.08
C THR D 120 6.48 9.16 -14.28
N HIS D 121 6.22 9.41 -12.99
CA HIS D 121 5.64 8.40 -12.10
C HIS D 121 6.22 7.03 -12.43
N GLU D 122 7.53 6.95 -12.47
CA GLU D 122 8.22 5.70 -12.80
C GLU D 122 8.89 5.15 -11.53
N THR D 123 8.06 4.60 -10.65
CA THR D 123 8.54 4.04 -9.38
C THR D 123 8.57 2.51 -9.36
N ASN D 124 9.62 1.96 -8.77
CA ASN D 124 9.73 0.54 -8.58
C ASN D 124 9.60 0.36 -7.07
N ALA D 125 8.79 -0.61 -6.65
CA ALA D 125 8.60 -0.81 -5.22
C ALA D 125 8.61 -2.27 -4.84
N LEU D 126 8.99 -2.52 -3.59
CA LEU D 126 9.01 -3.87 -3.06
C LEU D 126 8.46 -3.78 -1.66
N HIS D 127 7.51 -4.64 -1.34
CA HIS D 127 6.95 -4.63 -0.01
C HIS D 127 6.60 -6.03 0.45
N PHE D 128 6.96 -6.35 1.69
CA PHE D 128 6.58 -7.64 2.25
C PHE D 128 6.24 -7.43 3.71
N MET D 129 5.28 -8.22 4.19
CA MET D 129 4.85 -8.13 5.57
C MET D 129 4.61 -9.52 6.12
N PHE D 130 5.30 -9.82 7.22
CA PHE D 130 5.16 -11.10 7.89
C PHE D 130 4.58 -10.87 9.27
N ASN D 131 3.43 -11.47 9.54
CA ASN D 131 2.84 -11.37 10.87
C ASN D 131 2.79 -12.79 11.43
N GLN D 132 2.93 -13.76 10.54
CA GLN D 132 2.87 -15.15 10.89
C GLN D 132 3.94 -15.87 10.09
N PHE D 133 4.80 -16.62 10.78
CA PHE D 133 5.86 -17.37 10.14
C PHE D 133 5.48 -18.87 10.17
N SER D 134 5.41 -19.51 9.01
CA SER D 134 5.04 -20.91 8.96
C SER D 134 6.29 -21.79 9.02
N LYS D 135 6.09 -23.09 9.22
CA LYS D 135 7.18 -24.05 9.33
C LYS D 135 8.06 -24.07 8.10
N ASP D 136 7.46 -24.01 6.92
CA ASP D 136 8.24 -24.05 5.69
C ASP D 136 8.07 -22.69 4.99
N GLN D 137 8.80 -21.70 5.49
CA GLN D 137 8.78 -20.33 4.99
C GLN D 137 9.79 -20.23 3.86
N LYS D 138 9.35 -20.53 2.63
CA LYS D 138 10.24 -20.52 1.49
C LYS D 138 10.70 -19.16 0.97
N ASP D 139 10.16 -18.07 1.50
CA ASP D 139 10.57 -16.74 1.05
C ASP D 139 11.55 -16.11 2.04
N LEU D 140 12.00 -16.92 3.01
CA LEU D 140 12.99 -16.51 3.98
C LEU D 140 14.17 -17.44 3.86
N ILE D 141 15.38 -16.89 4.00
CA ILE D 141 16.58 -17.71 3.98
C ILE D 141 17.01 -17.73 5.45
N LEU D 142 16.92 -18.90 6.07
CA LEU D 142 17.31 -19.03 7.48
C LEU D 142 18.76 -19.48 7.58
N GLN D 143 19.52 -18.81 8.43
CA GLN D 143 20.91 -19.18 8.60
C GLN D 143 21.14 -19.42 10.08
N GLY D 144 22.12 -20.27 10.41
CA GLY D 144 22.43 -20.58 11.80
C GLY D 144 21.30 -21.28 12.53
N ASP D 145 21.05 -20.85 13.75
CA ASP D 145 19.99 -21.46 14.58
C ASP D 145 18.57 -20.94 14.37
N ALA D 146 18.36 -20.04 13.43
CA ALA D 146 17.02 -19.49 13.21
C ALA D 146 16.00 -20.53 12.73
N THR D 147 14.81 -20.50 13.32
CA THR D 147 13.73 -21.41 12.95
C THR D 147 12.40 -20.68 13.04
N THR D 148 11.39 -21.23 12.39
CA THR D 148 10.04 -20.66 12.38
C THR D 148 9.06 -21.78 12.75
N GLY D 149 7.84 -21.41 13.11
CA GLY D 149 6.83 -22.40 13.44
C GLY D 149 6.31 -22.38 14.88
N THR D 150 7.23 -22.25 15.84
CA THR D 150 6.86 -22.22 17.25
C THR D 150 5.93 -21.04 17.57
N ASP D 151 4.63 -21.27 17.45
CA ASP D 151 3.62 -20.25 17.70
C ASP D 151 3.52 -19.33 16.48
N GLY D 152 4.12 -19.75 15.38
CA GLY D 152 4.08 -18.92 14.20
C GLY D 152 5.01 -17.73 14.33
N ASN D 153 5.98 -17.84 15.24
CA ASN D 153 6.96 -16.79 15.45
C ASN D 153 8.29 -17.19 14.83
N LEU D 154 9.22 -16.23 14.76
CA LEU D 154 10.56 -16.50 14.22
C LEU D 154 11.53 -16.46 15.39
N GLU D 155 12.20 -17.57 15.64
CA GLU D 155 13.18 -17.64 16.73
C GLU D 155 14.54 -17.49 16.06
N LEU D 156 15.20 -16.38 16.31
CA LEU D 156 16.49 -16.16 15.69
C LEU D 156 17.54 -17.05 16.33
N THR D 157 17.56 -17.12 17.65
CA THR D 157 18.51 -17.97 18.36
C THR D 157 17.81 -19.19 18.95
N ARG D 158 18.59 -20.23 19.23
CA ARG D 158 18.03 -21.48 19.75
C ARG D 158 17.25 -21.38 21.06
N VAL D 159 16.14 -22.11 21.12
CA VAL D 159 15.29 -22.13 22.31
C VAL D 159 14.85 -23.58 22.60
N SER D 160 15.10 -24.05 23.81
CA SER D 160 14.72 -25.42 24.19
C SER D 160 13.20 -25.62 24.16
N SER D 161 12.77 -26.86 23.93
CA SER D 161 11.35 -27.19 23.87
C SER D 161 10.53 -26.63 25.03
N ASN D 162 11.14 -26.51 26.21
CA ASN D 162 10.42 -25.99 27.37
C ASN D 162 10.27 -24.49 27.20
N GLY D 163 11.08 -23.91 26.31
CA GLY D 163 10.99 -22.49 26.05
C GLY D 163 12.12 -21.61 26.53
N SER D 164 13.14 -22.22 27.14
CA SER D 164 14.28 -21.45 27.64
C SER D 164 15.37 -21.24 26.57
N PRO D 165 15.96 -20.03 26.55
CA PRO D 165 17.02 -19.64 25.61
C PRO D 165 18.27 -20.47 25.81
N GLN D 166 19.11 -20.54 24.78
CA GLN D 166 20.37 -21.26 24.84
C GLN D 166 21.50 -20.25 24.67
N GLY D 167 22.65 -20.52 25.27
CA GLY D 167 23.77 -19.62 25.13
C GLY D 167 24.60 -20.03 23.92
N SER D 168 25.55 -19.20 23.53
CA SER D 168 26.40 -19.51 22.38
C SER D 168 25.60 -19.82 21.12
N SER D 169 24.56 -19.03 20.88
CA SER D 169 23.71 -19.22 19.71
C SER D 169 23.75 -18.03 18.76
N VAL D 170 23.56 -18.30 17.48
CA VAL D 170 23.55 -17.27 16.46
C VAL D 170 22.61 -17.67 15.33
N GLY D 171 21.72 -16.74 14.96
CA GLY D 171 20.77 -16.99 13.89
C GLY D 171 20.46 -15.73 13.07
N ARG D 172 20.01 -15.95 11.85
CA ARG D 172 19.65 -14.86 10.95
C ARG D 172 18.53 -15.27 10.00
N ALA D 173 17.79 -14.30 9.52
CA ALA D 173 16.72 -14.55 8.57
C ALA D 173 16.79 -13.42 7.53
N LEU D 174 16.98 -13.79 6.27
CA LEU D 174 17.04 -12.81 5.18
C LEU D 174 15.89 -12.98 4.20
N PHE D 175 15.39 -11.89 3.65
CA PHE D 175 14.31 -12.02 2.68
C PHE D 175 14.93 -12.67 1.44
N TYR D 176 14.19 -13.55 0.82
CA TYR D 176 14.71 -14.28 -0.31
C TYR D 176 15.15 -13.46 -1.51
N ALA D 177 14.31 -12.53 -1.95
CA ALA D 177 14.63 -11.71 -3.11
C ALA D 177 15.62 -10.58 -2.84
N PRO D 178 16.52 -10.33 -3.80
CA PRO D 178 17.50 -9.25 -3.64
C PRO D 178 16.67 -7.94 -3.74
N VAL D 179 17.14 -6.90 -3.06
CA VAL D 179 16.49 -5.62 -3.05
C VAL D 179 17.37 -4.58 -3.75
N HIS D 180 16.78 -3.79 -4.63
CA HIS D 180 17.53 -2.76 -5.34
C HIS D 180 17.45 -1.54 -4.42
N ILE D 181 18.47 -1.36 -3.58
CA ILE D 181 18.53 -0.30 -2.58
C ILE D 181 18.87 1.10 -3.10
N TRP D 182 19.52 1.20 -4.25
CA TRP D 182 19.84 2.51 -4.81
C TRP D 182 20.25 2.33 -6.25
N GLU D 183 20.26 3.42 -7.01
CA GLU D 183 20.63 3.38 -8.42
C GLU D 183 21.21 4.72 -8.85
N SER D 184 22.23 4.69 -9.71
CA SER D 184 22.87 5.91 -10.19
C SER D 184 21.88 6.98 -10.61
N SER D 185 20.95 6.59 -11.48
CA SER D 185 19.95 7.52 -11.99
C SER D 185 18.64 7.56 -11.18
N ALA D 186 18.74 7.51 -9.85
CA ALA D 186 17.55 7.54 -9.01
C ALA D 186 17.28 8.95 -8.49
N VAL D 187 16.04 9.39 -8.59
CA VAL D 187 15.66 10.71 -8.11
C VAL D 187 15.46 10.65 -6.60
N VAL D 188 14.86 9.56 -6.15
CA VAL D 188 14.60 9.32 -4.75
C VAL D 188 14.54 7.83 -4.48
N ALA D 189 15.19 7.41 -3.40
CA ALA D 189 15.17 6.01 -3.04
C ALA D 189 14.90 6.03 -1.56
N SER D 190 14.09 5.12 -1.07
CA SER D 190 13.83 5.09 0.37
C SER D 190 13.38 3.71 0.82
N PHE D 191 13.53 3.43 2.10
CA PHE D 191 13.08 2.16 2.61
C PHE D 191 12.62 2.40 4.01
N GLU D 192 11.82 1.48 4.50
CA GLU D 192 11.22 1.56 5.81
C GLU D 192 11.11 0.11 6.30
N ALA D 193 11.47 -0.12 7.55
CA ALA D 193 11.40 -1.47 8.13
C ALA D 193 10.80 -1.42 9.52
N THR D 194 10.05 -2.45 9.86
CA THR D 194 9.42 -2.51 11.16
C THR D 194 9.37 -3.94 11.58
N PHE D 195 9.59 -4.18 12.87
CA PHE D 195 9.50 -5.52 13.42
C PHE D 195 9.22 -5.46 14.91
N THR D 196 8.42 -6.41 15.39
CA THR D 196 8.13 -6.47 16.81
C THR D 196 8.91 -7.65 17.34
N PHE D 197 9.45 -7.51 18.54
CA PHE D 197 10.29 -8.55 19.13
C PHE D 197 9.97 -8.79 20.61
N LEU D 198 10.35 -9.96 21.10
CA LEU D 198 10.15 -10.30 22.49
C LEU D 198 11.46 -10.85 23.01
N ILE D 199 12.15 -10.05 23.81
CA ILE D 199 13.40 -10.48 24.39
C ILE D 199 13.11 -10.86 25.83
N LYS D 200 13.27 -12.14 26.13
CA LYS D 200 13.02 -12.66 27.48
C LYS D 200 14.30 -13.31 28.00
N SER D 201 14.78 -12.84 29.16
CA SER D 201 16.01 -13.38 29.74
C SER D 201 15.76 -13.94 31.15
N PRO D 202 15.87 -15.27 31.31
CA PRO D 202 15.65 -15.93 32.61
C PRO D 202 16.83 -15.71 33.54
N ASP D 203 18.03 -15.93 32.99
CA ASP D 203 19.27 -15.82 33.74
C ASP D 203 19.68 -14.41 34.14
N SER D 204 20.94 -14.26 34.53
CA SER D 204 21.52 -13.00 34.98
C SER D 204 21.14 -11.81 34.10
N HIS D 205 22.07 -11.43 33.23
CA HIS D 205 21.86 -10.31 32.31
C HIS D 205 21.40 -10.85 30.97
N PRO D 206 20.67 -10.04 30.21
CA PRO D 206 20.21 -10.47 28.89
C PRO D 206 21.36 -10.25 27.92
N ALA D 207 21.45 -11.07 26.88
CA ALA D 207 22.50 -10.91 25.89
C ALA D 207 22.12 -11.81 24.72
N ASP D 208 22.58 -11.50 23.50
CA ASP D 208 23.45 -10.36 23.22
C ASP D 208 22.76 -9.24 22.44
N GLY D 209 21.63 -9.57 21.80
CA GLY D 209 20.91 -8.57 21.06
C GLY D 209 20.35 -9.00 19.72
N ILE D 210 19.59 -8.09 19.12
CA ILE D 210 18.96 -8.32 17.84
C ILE D 210 19.36 -7.18 16.94
N ALA D 211 19.41 -7.45 15.64
CA ALA D 211 19.78 -6.41 14.69
C ALA D 211 19.07 -6.54 13.34
N PHE D 212 18.75 -5.37 12.77
CA PHE D 212 18.20 -5.32 11.44
C PHE D 212 19.42 -5.02 10.59
N PHE D 213 19.62 -5.74 9.48
CA PHE D 213 20.78 -5.43 8.67
C PHE D 213 20.54 -5.51 7.17
N ILE D 214 21.45 -4.85 6.45
CA ILE D 214 21.43 -4.82 4.99
C ILE D 214 22.82 -5.31 4.63
N SER D 215 22.92 -6.17 3.63
CA SER D 215 24.23 -6.70 3.29
C SER D 215 24.31 -7.08 1.84
N ASN D 216 25.49 -7.56 1.43
CA ASN D 216 25.69 -8.02 0.07
C ASN D 216 24.81 -9.26 -0.06
N ILE D 217 24.32 -9.49 -1.26
CA ILE D 217 23.42 -10.60 -1.56
C ILE D 217 23.81 -11.97 -1.03
N ASP D 218 25.08 -12.32 -1.18
CA ASP D 218 25.58 -13.62 -0.77
C ASP D 218 26.12 -13.68 0.66
N SER D 219 25.66 -12.81 1.54
CA SER D 219 26.13 -12.81 2.92
C SER D 219 25.75 -14.05 3.73
N SER D 220 26.63 -14.47 4.63
CA SER D 220 26.36 -15.60 5.50
C SER D 220 26.97 -15.32 6.86
N ILE D 221 26.61 -16.10 7.88
CA ILE D 221 27.13 -15.85 9.21
C ILE D 221 28.65 -16.07 9.30
N PRO D 222 29.39 -15.08 9.82
CA PRO D 222 30.85 -15.17 9.98
C PRO D 222 31.12 -16.19 11.10
N SER D 223 32.17 -17.00 10.95
CA SER D 223 32.50 -18.00 11.98
C SER D 223 32.83 -17.36 13.32
N GLY D 224 32.33 -17.99 14.38
CA GLY D 224 32.56 -17.49 15.72
C GLY D 224 31.93 -16.15 16.01
N SER D 225 30.94 -15.75 15.21
CA SER D 225 30.28 -14.47 15.41
C SER D 225 29.14 -14.50 16.43
N THR D 226 29.21 -15.43 17.38
CA THR D 226 28.20 -15.51 18.43
C THR D 226 28.57 -14.41 19.43
N GLY D 227 27.78 -14.26 20.49
CA GLY D 227 28.09 -13.24 21.47
C GLY D 227 28.04 -11.79 20.98
N ARG D 228 29.03 -11.03 21.42
CA ARG D 228 29.17 -9.61 21.09
C ARG D 228 29.07 -9.25 19.62
N LEU D 229 29.43 -10.19 18.73
CA LEU D 229 29.42 -9.90 17.30
C LEU D 229 28.07 -9.94 16.60
N LEU D 230 27.03 -10.32 17.34
CA LEU D 230 25.68 -10.33 16.82
C LEU D 230 25.45 -11.06 15.50
N GLY D 231 26.28 -12.05 15.19
CA GLY D 231 26.12 -12.78 13.93
C GLY D 231 26.32 -11.91 12.70
N LEU D 232 26.96 -10.76 12.87
CA LEU D 232 27.18 -9.87 11.75
C LEU D 232 28.64 -9.63 11.37
N PHE D 233 29.53 -9.56 12.36
CA PHE D 233 30.93 -9.27 12.06
C PHE D 233 31.89 -10.38 12.44
N PRO D 234 32.97 -10.53 11.65
CA PRO D 234 34.01 -11.54 11.85
C PRO D 234 34.87 -11.22 13.07
N ASP D 235 35.04 -9.93 13.37
CA ASP D 235 35.83 -9.52 14.52
C ASP D 235 35.31 -8.23 15.13
N ALA D 236 35.96 -7.74 16.18
CA ALA D 236 35.51 -6.52 16.86
C ALA D 236 36.26 -5.25 16.45
N ASN D 237 36.81 -5.25 15.24
CA ASN D 237 37.52 -4.08 14.75
C ASN D 237 36.51 -3.03 14.30
C1 MMA E . -38.13 -8.78 21.40
C2 MMA E . -38.94 -7.52 21.09
C3 MMA E . -40.32 -7.91 20.57
C4 MMA E . -40.16 -8.83 19.35
C5 MMA E . -39.31 -10.04 19.70
C6 MMA E . -39.02 -10.89 18.48
C7 MMA E . -37.72 -10.00 23.31
O1 MMA E . -38.73 -9.51 22.41
O2 MMA E . -38.26 -6.76 20.08
O3 MMA E . -41.03 -6.73 20.21
O4 MMA E . -41.43 -9.26 18.89
O5 MMA E . -38.03 -9.61 20.22
O6 MMA E . -38.24 -12.02 18.82
C1 AMG E . -37.37 -5.77 20.52
C2 AMG E . -37.15 -4.79 19.39
C3 AMG E . -36.50 -5.54 18.23
C4 AMG E . -35.16 -6.11 18.71
C5 AMG E . -35.37 -7.01 19.91
C6 AMG E . -34.08 -7.46 20.52
O2 AMG E . -36.29 -3.76 19.85
O3 AMG E . -36.34 -4.67 17.12
O4 AMG E . -34.56 -6.85 17.67
O5 AMG E . -36.11 -6.31 20.94
O6 AMG E . -33.31 -6.34 20.97
C1 AMG F . 30.81 -13.66 26.90
C2 AMG F . 31.27 -13.57 25.44
C3 AMG F . 30.86 -12.21 24.85
C4 AMG F . 29.35 -11.95 25.05
C5 AMG F . 28.97 -12.16 26.52
C6 AMG F . 27.47 -12.06 26.76
C7 AMG F . 31.00 -12.74 29.03
O1 AMG F . 31.42 -12.65 27.65
O2 AMG F . 30.67 -14.65 24.68
O3 AMG F . 31.18 -12.18 23.47
O4 AMG F . 29.04 -10.62 24.66
O5 AMG F . 29.37 -13.47 26.97
O6 AMG F . 26.79 -13.22 26.31
C1 AMG F . 31.46 -15.17 23.65
C2 AMG F . 30.60 -16.08 22.74
C3 AMG F . 30.20 -17.37 23.47
C4 AMG F . 31.43 -18.06 24.08
C5 AMG F . 32.22 -17.06 24.93
C6 AMG F . 33.49 -17.63 25.53
O2 AMG F . 31.32 -16.41 21.56
O3 AMG F . 29.55 -18.26 22.58
O4 AMG F . 31.01 -19.15 24.89
O5 AMG F . 32.57 -15.90 24.14
O6 AMG F . 34.34 -18.15 24.52
MN MN G . -30.75 -10.45 9.75
CA CA H . -31.98 -9.51 13.68
C1 MMA I . 3.01 41.98 -10.71
C2 MMA I . 2.32 41.67 -9.37
C3 MMA I . 3.13 40.66 -8.57
C4 MMA I . 3.44 39.41 -9.41
C5 MMA I . 4.06 39.81 -10.75
C6 MMA I . 4.31 38.66 -11.70
C7 MMA I . 4.87 43.00 -11.70
O1 MMA I . 4.26 42.57 -10.47
O2 MMA I . 0.99 41.19 -9.58
O3 MMA I . 2.43 40.31 -7.38
O4 MMA I . 4.33 38.57 -8.71
O5 MMA I . 3.21 40.76 -11.44
O6 MMA I . 3.10 38.08 -12.14
MN MN J . 9.68 32.59 -3.66
CA CA K . 7.81 34.81 -6.42
C1 MMA L . 3.20 -22.64 -36.78
C2 MMA L . 3.57 -23.38 -35.48
C3 MMA L . 2.48 -23.15 -34.40
C4 MMA L . 2.17 -21.65 -34.22
C5 MMA L . 1.87 -21.00 -35.57
C6 MMA L . 1.71 -19.50 -35.45
C7 MMA L . 1.70 -22.53 -38.58
O1 MMA L . 2.06 -23.21 -37.36
O2 MMA L . 4.85 -22.95 -34.99
O3 MMA L . 2.86 -23.73 -33.17
O4 MMA L . 1.06 -21.50 -33.35
O5 MMA L . 2.95 -21.24 -36.51
O6 MMA L . 2.97 -18.85 -35.28
MN MN M . -5.71 -19.75 -27.05
CA CA N . -3.31 -19.79 -30.32
MN MN O . 26.60 -2.20 20.93
CA CA P . 27.02 -5.90 23.13
#